data_3GDV
#
_entry.id   3GDV
#
_cell.length_a   118.880
_cell.length_b   172.278
_cell.length_c   114.768
_cell.angle_alpha   90.00
_cell.angle_beta   90.00
_cell.angle_gamma   90.00
#
_symmetry.space_group_name_H-M   'C 2 2 21'
#
loop_
_entity.id
_entity.type
_entity.pdbx_description
1 polymer 'DegS protease'
2 polymer 'YQF peptide'
3 water water
#
loop_
_entity_poly.entity_id
_entity_poly.type
_entity_poly.pdbx_seq_one_letter_code
_entity_poly.pdbx_strand_id
1 'polypeptide(L)'
;MRGSHHHHHHGRSLNPLSTPQFDSTDETPASYNLAVRRAAPAVVNVYNRGLNTNSHNQLEIRTLGSGVIMDQRGYIITNK
HVINDADQIIVALQDGRVFEALLVGSDSLTDLAVLKINATGGLPTIPINARRVPHIGDVVLAIGNPYNLGQTITQGIISA
TGRIGLNPTGRQNFLQTDASINPGN(MIS)GGALVNSLGELMGINTLSFDKSNDGETPEGIGFAIPFQLATKIMDKLIRD
GRVIRGYIGIGGREIAPLHAQGGGIDQLQGIVVNEVSPDGPAANAGIQVNDLIISVDNKPAISALETMAQVAEIRPGSVI
PVVVMRDDKQLTLQVTIQEYPATN
;
A,B,C
2 'polypeptide(L)' YQF D,E,F
#
# COMPACT_ATOMS: atom_id res chain seq x y z
N ASP A 23 -28.91 -7.00 8.25
CA ASP A 23 -28.44 -7.23 9.62
C ASP A 23 -27.13 -8.00 9.65
N SER A 24 -26.01 -7.28 9.52
CA SER A 24 -24.69 -7.88 9.56
C SER A 24 -24.35 -8.34 10.98
N THR A 25 -25.24 -8.03 11.91
CA THR A 25 -25.03 -8.29 13.33
C THR A 25 -24.63 -9.72 13.66
N ASP A 26 -25.04 -10.67 12.81
CA ASP A 26 -24.77 -12.08 13.08
C ASP A 26 -23.66 -12.66 12.20
N GLU A 27 -23.07 -11.81 11.34
CA GLU A 27 -22.00 -12.24 10.46
C GLU A 27 -20.63 -12.07 11.12
N THR A 28 -19.58 -12.51 10.43
CA THR A 28 -18.22 -12.48 10.97
C THR A 28 -17.27 -11.68 10.07
N PRO A 29 -16.61 -10.66 10.64
CA PRO A 29 -15.69 -9.81 9.88
C PRO A 29 -14.40 -10.53 9.51
N ALA A 30 -13.93 -10.32 8.28
CA ALA A 30 -12.64 -10.85 7.86
C ALA A 30 -11.57 -10.32 8.82
N SER A 31 -10.67 -11.18 9.26
CA SER A 31 -9.72 -10.80 10.29
C SER A 31 -8.46 -11.64 10.28
N TYR A 32 -7.39 -11.08 10.83
CA TYR A 32 -6.14 -11.79 11.02
C TYR A 32 -5.79 -11.74 12.50
N ASN A 33 -6.81 -11.45 13.32
CA ASN A 33 -6.64 -11.38 14.77
C ASN A 33 -6.01 -12.65 15.33
N LEU A 34 -6.35 -13.79 14.75
CA LEU A 34 -5.81 -15.06 15.21
C LEU A 34 -4.29 -15.02 15.16
N ALA A 35 -3.76 -14.62 14.01
CA ALA A 35 -2.33 -14.49 13.81
C ALA A 35 -1.73 -13.56 14.86
N VAL A 36 -2.37 -12.43 15.09
CA VAL A 36 -1.90 -11.46 16.06
C VAL A 36 -1.81 -12.06 17.48
N ARG A 37 -2.86 -12.76 17.89
CA ARG A 37 -2.89 -13.34 19.24
C ARG A 37 -1.79 -14.38 19.48
N ARG A 38 -1.50 -15.20 18.48
CA ARG A 38 -0.47 -16.23 18.59
C ARG A 38 0.95 -15.68 18.63
N ALA A 39 1.21 -14.67 17.80
CA ALA A 39 2.58 -14.22 17.54
C ALA A 39 2.98 -12.93 18.25
N ALA A 40 2.04 -12.00 18.37
CA ALA A 40 2.36 -10.66 18.85
C ALA A 40 2.95 -10.62 20.26
N PRO A 41 2.43 -11.44 21.19
CA PRO A 41 2.99 -11.44 22.54
C PRO A 41 4.49 -11.71 22.55
N ALA A 42 4.99 -12.41 21.52
CA ALA A 42 6.38 -12.84 21.46
C ALA A 42 7.31 -11.82 20.82
N VAL A 43 6.73 -10.79 20.20
CA VAL A 43 7.52 -9.71 19.62
C VAL A 43 7.74 -8.63 20.67
N VAL A 44 8.99 -8.22 20.84
CA VAL A 44 9.34 -7.28 21.91
C VAL A 44 9.92 -5.96 21.40
N ASN A 45 9.90 -4.94 22.25
CA ASN A 45 10.58 -3.70 21.96
C ASN A 45 12.04 -3.76 22.44
N VAL A 46 12.98 -3.43 21.56
CA VAL A 46 14.39 -3.41 21.93
C VAL A 46 14.92 -1.99 22.04
N TYR A 47 15.53 -1.66 23.17
CA TYR A 47 16.05 -0.32 23.40
C TYR A 47 17.58 -0.32 23.57
N ASN A 48 18.25 0.45 22.71
CA ASN A 48 19.71 0.57 22.75
C ASN A 48 20.14 1.81 23.53
N ARG A 49 20.78 1.59 24.67
CA ARG A 49 21.23 2.68 25.53
C ARG A 49 22.71 2.98 25.35
N GLY A 50 23.06 4.26 25.43
CA GLY A 50 24.45 4.69 25.35
C GLY A 50 24.77 5.75 26.39
N LEU A 51 25.81 5.51 27.18
CA LEU A 51 26.23 6.46 28.21
C LEU A 51 26.91 7.68 27.58
N ASN A 52 26.74 8.84 28.19
CA ASN A 52 27.38 10.06 27.70
C ASN A 52 27.66 11.06 28.82
N ASN A 57 26.80 9.12 32.07
CA ASN A 57 26.34 8.48 33.30
C ASN A 57 24.85 8.16 33.23
N GLN A 58 24.18 8.74 32.24
CA GLN A 58 22.75 8.53 32.06
C GLN A 58 22.49 7.66 30.84
N LEU A 59 21.61 6.68 31.01
CA LEU A 59 21.19 5.85 29.88
C LEU A 59 20.34 6.67 28.94
N GLU A 60 20.74 6.71 27.68
CA GLU A 60 19.98 7.43 26.66
C GLU A 60 19.72 6.54 25.46
N ILE A 61 18.46 6.47 25.05
CA ILE A 61 18.10 5.70 23.87
C ILE A 61 18.86 6.24 22.66
N ARG A 62 19.74 5.42 22.10
CA ARG A 62 20.49 5.80 20.92
C ARG A 62 19.82 5.21 19.68
N THR A 63 19.10 4.12 19.89
CA THR A 63 18.34 3.47 18.85
C THR A 63 17.22 2.68 19.49
N LEU A 64 16.28 2.20 18.69
CA LEU A 64 15.28 1.26 19.17
C LEU A 64 14.74 0.43 18.01
N GLY A 65 14.30 -0.77 18.31
CA GLY A 65 13.80 -1.68 17.30
C GLY A 65 12.93 -2.75 17.92
N SER A 66 12.85 -3.89 17.25
CA SER A 66 12.04 -4.98 17.73
C SER A 66 12.86 -6.27 17.84
N GLY A 67 12.27 -7.28 18.48
CA GLY A 67 12.91 -8.58 18.60
C GLY A 67 11.87 -9.67 18.76
N VAL A 68 12.24 -10.90 18.42
CA VAL A 68 11.35 -12.04 18.53
C VAL A 68 11.87 -13.09 19.50
N ILE A 69 11.03 -13.49 20.46
CA ILE A 69 11.39 -14.58 21.35
C ILE A 69 11.27 -15.90 20.61
N MET A 70 12.39 -16.60 20.44
CA MET A 70 12.41 -17.86 19.70
C MET A 70 12.08 -19.06 20.58
N ASP A 71 12.74 -19.17 21.73
CA ASP A 71 12.53 -20.32 22.62
C ASP A 71 12.35 -19.92 24.08
N GLN A 72 12.00 -20.92 24.90
CA GLN A 72 11.71 -20.69 26.31
C GLN A 72 12.92 -20.21 27.11
N ARG A 73 14.12 -20.54 26.63
CA ARG A 73 15.36 -20.13 27.30
C ARG A 73 15.45 -18.62 27.47
N GLY A 74 14.84 -17.88 26.55
CA GLY A 74 14.92 -16.43 26.58
C GLY A 74 15.89 -15.91 25.53
N TYR A 75 16.11 -16.71 24.48
CA TYR A 75 16.94 -16.27 23.36
C TYR A 75 16.11 -15.45 22.37
N ILE A 76 16.57 -14.23 22.10
CA ILE A 76 15.83 -13.31 21.23
C ILE A 76 16.61 -12.97 19.97
N ILE A 77 15.93 -12.91 18.84
CA ILE A 77 16.54 -12.46 17.58
C ILE A 77 16.22 -10.99 17.28
N THR A 78 17.24 -10.25 16.86
CA THR A 78 17.07 -8.88 16.44
C THR A 78 18.09 -8.59 15.35
N ASN A 79 18.12 -7.35 14.87
CA ASN A 79 19.11 -6.95 13.90
C ASN A 79 20.36 -6.39 14.57
N LYS A 80 21.51 -6.63 13.96
CA LYS A 80 22.78 -6.14 14.50
C LYS A 80 22.79 -4.61 14.56
N HIS A 81 22.39 -3.96 13.47
CA HIS A 81 22.41 -2.50 13.40
C HIS A 81 21.59 -1.84 14.51
N VAL A 82 20.62 -2.57 15.04
CA VAL A 82 19.81 -2.10 16.16
C VAL A 82 20.61 -2.04 17.47
N ILE A 83 21.47 -3.03 17.68
CA ILE A 83 22.20 -3.14 18.95
C ILE A 83 23.68 -2.76 18.86
N ASN A 84 24.12 -2.32 17.69
CA ASN A 84 25.49 -1.87 17.51
C ASN A 84 25.93 -0.83 18.54
N ASP A 85 27.06 -1.10 19.19
CA ASP A 85 27.67 -0.14 20.12
C ASP A 85 26.76 0.25 21.29
N ALA A 86 25.90 -0.68 21.69
CA ALA A 86 25.01 -0.44 22.81
C ALA A 86 25.75 -0.62 24.13
N ASP A 87 25.70 0.38 24.98
CA ASP A 87 26.27 0.29 26.32
C ASP A 87 25.36 -0.55 27.21
N GLN A 88 24.06 -0.48 26.92
CA GLN A 88 23.08 -1.32 27.61
C GLN A 88 21.88 -1.61 26.73
N ILE A 89 21.43 -2.86 26.75
CA ILE A 89 20.30 -3.28 25.94
C ILE A 89 19.10 -3.64 26.79
N ILE A 90 18.04 -2.84 26.71
CA ILE A 90 16.81 -3.12 27.43
C ILE A 90 15.80 -3.80 26.51
N VAL A 91 15.06 -4.76 27.04
CA VAL A 91 14.03 -5.46 26.28
C VAL A 91 12.69 -5.41 27.03
N ALA A 92 11.64 -5.02 26.32
CA ALA A 92 10.33 -4.84 26.92
C ALA A 92 9.29 -5.74 26.26
N LEU A 93 8.51 -6.44 27.09
CA LEU A 93 7.48 -7.35 26.59
C LEU A 93 6.10 -6.68 26.59
N GLN A 94 5.22 -7.14 25.70
CA GLN A 94 3.85 -6.64 25.67
C GLN A 94 3.14 -6.81 27.01
N ASP A 95 3.53 -7.83 27.76
CA ASP A 95 2.85 -8.10 29.04
C ASP A 95 3.25 -7.14 30.15
N GLY A 96 4.32 -6.37 29.93
CA GLY A 96 4.74 -5.36 30.88
C GLY A 96 6.13 -5.57 31.44
N ARG A 97 6.62 -6.80 31.39
CA ARG A 97 7.92 -7.11 31.96
C ARG A 97 9.07 -6.44 31.19
N VAL A 98 10.06 -5.97 31.94
CA VAL A 98 11.21 -5.32 31.34
C VAL A 98 12.51 -5.95 31.82
N PHE A 99 13.38 -6.29 30.87
CA PHE A 99 14.62 -6.98 31.20
C PHE A 99 15.84 -6.25 30.64
N GLU A 100 17.01 -6.54 31.21
CA GLU A 100 18.25 -6.09 30.59
C GLU A 100 18.87 -7.28 29.88
N ALA A 101 18.97 -7.17 28.56
CA ALA A 101 19.45 -8.29 27.75
C ALA A 101 20.96 -8.26 27.58
N LEU A 102 21.53 -9.44 27.41
CA LEU A 102 22.95 -9.59 27.14
C LEU A 102 23.17 -10.09 25.72
N LEU A 103 24.19 -9.56 25.07
CA LEU A 103 24.46 -9.94 23.68
C LEU A 103 25.22 -11.27 23.58
N VAL A 104 24.51 -12.28 23.11
CA VAL A 104 25.09 -13.59 22.84
C VAL A 104 26.11 -13.51 21.69
N GLY A 105 25.69 -12.93 20.58
CA GLY A 105 26.54 -12.80 19.41
C GLY A 105 25.85 -12.02 18.31
N SER A 106 26.64 -11.56 17.34
CA SER A 106 26.11 -10.80 16.22
C SER A 106 26.84 -11.14 14.93
N ASP A 107 26.10 -11.18 13.82
CA ASP A 107 26.68 -11.51 12.54
C ASP A 107 26.53 -10.35 11.54
N SER A 108 27.64 -9.72 11.20
CA SER A 108 27.65 -8.56 10.32
C SER A 108 26.98 -8.84 8.97
N LEU A 109 27.27 -10.00 8.40
CA LEU A 109 26.80 -10.32 7.06
C LEU A 109 25.28 -10.33 6.94
N THR A 110 24.62 -11.12 7.79
CA THR A 110 23.17 -11.28 7.72
C THR A 110 22.41 -10.22 8.52
N ASP A 111 23.16 -9.36 9.21
CA ASP A 111 22.57 -8.32 10.05
C ASP A 111 21.71 -8.90 11.16
N LEU A 112 22.12 -10.04 11.71
CA LEU A 112 21.38 -10.65 12.81
C LEU A 112 22.17 -10.61 14.11
N ALA A 113 21.44 -10.60 15.23
CA ALA A 113 22.05 -10.62 16.54
C ALA A 113 21.16 -11.40 17.50
N VAL A 114 21.78 -12.06 18.46
CA VAL A 114 21.03 -12.83 19.43
C VAL A 114 21.17 -12.25 20.84
N LEU A 115 20.06 -12.20 21.56
CA LEU A 115 20.04 -11.64 22.90
C LEU A 115 19.59 -12.69 23.90
N LYS A 116 20.02 -12.51 25.15
CA LYS A 116 19.62 -13.42 26.23
C LYS A 116 19.09 -12.60 27.39
N ILE A 117 17.92 -13.01 27.89
CA ILE A 117 17.36 -12.40 29.10
C ILE A 117 17.05 -13.50 30.13
N ASN A 118 17.38 -13.24 31.38
CA ASN A 118 17.09 -14.20 32.44
C ASN A 118 15.69 -13.96 33.01
N ALA A 119 14.73 -14.74 32.50
CA ALA A 119 13.33 -14.53 32.85
C ALA A 119 12.79 -15.55 33.86
N THR A 120 11.77 -15.14 34.59
CA THR A 120 11.11 -15.99 35.58
C THR A 120 9.65 -16.21 35.20
N GLY A 121 9.18 -17.44 35.39
CA GLY A 121 7.79 -17.77 35.09
C GLY A 121 7.58 -18.07 33.63
N GLY A 122 8.68 -18.07 32.87
CA GLY A 122 8.61 -18.36 31.44
C GLY A 122 8.28 -17.16 30.56
N LEU A 123 8.19 -17.41 29.26
CA LEU A 123 7.99 -16.37 28.26
C LEU A 123 7.07 -16.85 27.14
N PRO A 124 6.40 -15.90 26.48
CA PRO A 124 5.70 -16.21 25.22
C PRO A 124 6.72 -16.45 24.12
N THR A 125 6.39 -17.30 23.16
CA THR A 125 7.31 -17.56 22.07
C THR A 125 6.63 -17.54 20.70
N ILE A 126 7.41 -17.26 19.68
CA ILE A 126 6.91 -17.15 18.32
C ILE A 126 6.64 -18.53 17.73
N PRO A 127 5.41 -18.78 17.26
CA PRO A 127 5.07 -20.05 16.63
C PRO A 127 6.00 -20.34 15.45
N ILE A 128 6.57 -21.55 15.41
CA ILE A 128 7.46 -21.93 14.32
C ILE A 128 7.05 -23.26 13.71
N ASN A 129 7.07 -23.32 12.39
CA ASN A 129 6.79 -24.56 11.65
C ASN A 129 7.88 -24.78 10.63
N ALA A 130 8.76 -25.74 10.91
CA ALA A 130 9.87 -26.00 10.00
C ALA A 130 9.41 -26.67 8.71
N ARG A 131 8.18 -27.18 8.72
CA ARG A 131 7.60 -27.84 7.54
C ARG A 131 7.09 -26.81 6.54
N ARG A 132 6.75 -25.61 7.03
CA ARG A 132 6.12 -24.60 6.20
C ARG A 132 7.10 -24.00 5.20
N VAL A 133 6.75 -24.13 3.93
CA VAL A 133 7.51 -23.50 2.86
C VAL A 133 6.80 -22.22 2.41
N PRO A 134 7.37 -21.05 2.75
CA PRO A 134 6.76 -19.77 2.35
C PRO A 134 6.53 -19.72 0.84
N HIS A 135 5.33 -19.33 0.43
CA HIS A 135 5.02 -19.19 -0.98
C HIS A 135 4.77 -17.73 -1.35
N ILE A 136 5.14 -17.36 -2.57
CA ILE A 136 4.85 -16.02 -3.05
C ILE A 136 3.34 -15.89 -3.14
N GLY A 137 2.81 -14.82 -2.58
CA GLY A 137 1.36 -14.64 -2.52
C GLY A 137 0.74 -14.94 -1.16
N ASP A 138 1.50 -15.53 -0.25
CA ASP A 138 1.01 -15.79 1.10
C ASP A 138 0.78 -14.48 1.85
N VAL A 139 -0.38 -14.34 2.49
CA VAL A 139 -0.64 -13.17 3.30
C VAL A 139 0.31 -13.15 4.50
N VAL A 140 0.86 -11.98 4.82
CA VAL A 140 1.75 -11.84 5.96
C VAL A 140 1.51 -10.57 6.76
N LEU A 141 1.81 -10.67 8.05
CA LEU A 141 1.70 -9.55 8.97
C LEU A 141 3.07 -9.18 9.49
N ALA A 142 3.40 -7.89 9.45
CA ALA A 142 4.59 -7.39 10.10
C ALA A 142 4.21 -6.89 11.50
N ILE A 143 5.03 -7.27 12.49
CA ILE A 143 4.79 -6.91 13.88
C ILE A 143 6.01 -6.19 14.41
N GLY A 144 5.83 -5.00 14.96
CA GLY A 144 6.96 -4.23 15.45
C GLY A 144 6.59 -2.95 16.14
N ASN A 145 7.59 -2.10 16.36
CA ASN A 145 7.39 -0.85 17.07
C ASN A 145 7.79 0.37 16.23
N PRO A 146 7.05 0.64 15.15
CA PRO A 146 7.35 1.76 14.23
C PRO A 146 7.37 3.08 14.98
N TYR A 147 8.43 3.86 14.83
CA TYR A 147 8.52 5.19 15.44
C TYR A 147 8.19 5.19 16.92
N ASN A 148 8.45 4.06 17.59
CA ASN A 148 8.14 3.95 19.01
C ASN A 148 6.70 4.30 19.33
N LEU A 149 5.80 4.09 18.37
CA LEU A 149 4.40 4.37 18.59
C LEU A 149 3.83 3.37 19.57
N GLY A 150 4.37 2.15 19.54
CA GLY A 150 3.83 1.02 20.27
C GLY A 150 3.65 -0.11 19.27
N GLN A 151 3.37 -1.32 19.76
CA GLN A 151 3.26 -2.47 18.86
C GLN A 151 2.24 -2.25 17.75
N THR A 152 2.71 -2.41 16.52
CA THR A 152 1.90 -2.16 15.34
C THR A 152 1.87 -3.38 14.43
N ILE A 153 0.70 -3.68 13.88
CA ILE A 153 0.54 -4.77 12.93
C ILE A 153 0.16 -4.21 11.56
N THR A 154 0.89 -4.60 10.52
CA THR A 154 0.58 -4.22 9.15
C THR A 154 0.51 -5.47 8.27
N GLN A 155 -0.25 -5.38 7.18
CA GLN A 155 -0.55 -6.56 6.38
C GLN A 155 -0.13 -6.41 4.92
N GLY A 156 0.32 -7.51 4.34
CA GLY A 156 0.68 -7.55 2.94
C GLY A 156 0.82 -9.00 2.52
N ILE A 157 1.60 -9.25 1.48
CA ILE A 157 1.87 -10.60 1.02
C ILE A 157 3.36 -10.79 0.82
N ILE A 158 3.75 -12.02 0.51
CA ILE A 158 5.12 -12.30 0.12
C ILE A 158 5.23 -11.93 -1.36
N SER A 159 6.18 -11.04 -1.67
CA SER A 159 6.29 -10.48 -3.00
C SER A 159 7.29 -11.25 -3.86
N ALA A 160 8.35 -11.73 -3.22
CA ALA A 160 9.33 -12.57 -3.87
C ALA A 160 10.21 -13.24 -2.83
N THR A 161 11.04 -14.18 -3.25
CA THR A 161 11.94 -14.88 -2.34
C THR A 161 13.34 -14.97 -2.95
N GLY A 162 14.37 -14.96 -2.10
CA GLY A 162 15.73 -15.11 -2.56
C GLY A 162 16.33 -13.82 -3.09
N ARG A 163 15.73 -12.70 -2.73
CA ARG A 163 16.19 -11.40 -3.21
C ARG A 163 17.54 -11.03 -2.62
N ILE A 164 18.43 -10.50 -3.47
CA ILE A 164 19.72 -10.02 -3.01
C ILE A 164 19.56 -8.75 -2.17
N GLY A 165 18.50 -7.99 -2.45
CA GLY A 165 18.18 -6.79 -1.69
C GLY A 165 18.68 -5.53 -2.35
N LEU A 166 18.97 -4.52 -1.54
CA LEU A 166 19.44 -3.21 -2.04
C LEU A 166 20.84 -3.30 -2.63
N ASN A 167 21.67 -4.13 -2.00
CA ASN A 167 23.04 -4.35 -2.44
C ASN A 167 23.15 -5.73 -3.08
N PRO A 168 23.72 -5.79 -4.29
CA PRO A 168 23.91 -7.05 -5.03
C PRO A 168 24.83 -7.99 -4.24
N THR A 169 25.83 -7.42 -3.59
CA THR A 169 26.81 -8.17 -2.82
C THR A 169 26.19 -8.83 -1.59
N GLY A 170 26.73 -9.97 -1.20
CA GLY A 170 26.36 -10.58 0.08
C GLY A 170 25.36 -11.71 -0.01
N ARG A 171 24.75 -11.88 -1.18
CA ARG A 171 23.78 -12.96 -1.39
C ARG A 171 22.83 -13.09 -0.19
N GLN A 172 22.08 -12.03 0.08
CA GLN A 172 21.29 -11.94 1.30
C GLN A 172 20.15 -12.96 1.43
N ASN A 173 19.57 -13.35 0.30
CA ASN A 173 18.44 -14.27 0.30
C ASN A 173 17.23 -13.78 1.10
N PHE A 174 16.89 -12.51 0.93
CA PHE A 174 15.77 -11.88 1.64
C PHE A 174 14.43 -12.36 1.12
N LEU A 175 13.43 -12.41 2.01
CA LEU A 175 12.04 -12.43 1.58
C LEU A 175 11.64 -10.99 1.28
N GLN A 176 10.86 -10.78 0.22
CA GLN A 176 10.36 -9.44 -0.11
C GLN A 176 8.88 -9.35 0.21
N THR A 177 8.46 -8.26 0.83
CA THR A 177 7.06 -8.08 1.18
C THR A 177 6.60 -6.64 1.00
N ASP A 178 5.31 -6.47 0.70
CA ASP A 178 4.69 -5.16 0.60
C ASP A 178 3.93 -4.76 1.87
N ALA A 179 4.12 -5.50 2.95
CA ALA A 179 3.57 -5.11 4.24
C ALA A 179 4.37 -3.92 4.75
N SER A 180 3.68 -2.88 5.23
CA SER A 180 4.36 -1.63 5.56
C SER A 180 5.36 -1.77 6.70
N ILE A 181 6.61 -1.43 6.39
CA ILE A 181 7.72 -1.49 7.34
C ILE A 181 8.32 -0.09 7.54
N ASN A 182 8.57 0.29 8.78
CA ASN A 182 9.15 1.59 9.06
C ASN A 182 10.22 1.48 10.14
N PRO A 183 11.04 2.53 10.30
CA PRO A 183 11.99 2.56 11.41
C PRO A 183 11.31 2.16 12.72
N GLY A 184 11.87 1.16 13.39
CA GLY A 184 11.25 0.60 14.58
C GLY A 184 10.77 -0.83 14.36
N ASN A 185 10.67 -1.22 13.10
CA ASN A 185 10.26 -2.57 12.74
C ASN A 185 11.43 -3.55 12.67
N GLY A 187 14.25 -6.08 13.25
CA GLY A 187 14.43 -7.14 14.21
C GLY A 187 13.11 -7.74 14.64
N GLY A 188 12.02 -7.28 14.05
CA GLY A 188 10.68 -7.71 14.42
C GLY A 188 10.20 -8.82 13.51
N ALA A 189 9.02 -9.37 13.81
CA ALA A 189 8.55 -10.60 13.17
C ALA A 189 7.63 -10.38 11.96
N LEU A 190 7.79 -11.24 10.96
CA LEU A 190 6.88 -11.31 9.83
C LEU A 190 6.27 -12.70 9.88
N VAL A 191 4.95 -12.77 9.97
CA VAL A 191 4.27 -14.05 10.17
C VAL A 191 3.15 -14.24 9.18
N ASN A 192 2.69 -15.48 9.01
CA ASN A 192 1.59 -15.73 8.11
C ASN A 192 0.26 -15.69 8.85
N SER A 193 -0.83 -16.05 8.18
CA SER A 193 -2.15 -15.97 8.76
C SER A 193 -2.37 -16.99 9.89
N LEU A 194 -1.35 -17.82 10.14
CA LEU A 194 -1.44 -18.82 11.21
C LEU A 194 -0.57 -18.44 12.40
N GLY A 195 0.12 -17.30 12.29
CA GLY A 195 0.98 -16.84 13.36
C GLY A 195 2.37 -17.42 13.26
N GLU A 196 2.63 -18.18 12.20
CA GLU A 196 3.92 -18.84 12.00
C GLU A 196 4.98 -17.88 11.47
N LEU A 197 6.15 -17.88 12.09
CA LEU A 197 7.23 -16.98 11.71
C LEU A 197 7.71 -17.24 10.28
N MET A 198 7.57 -16.23 9.42
CA MET A 198 8.07 -16.33 8.05
C MET A 198 9.44 -15.69 7.93
N GLY A 199 9.71 -14.69 8.79
CA GLY A 199 10.99 -14.00 8.74
C GLY A 199 11.17 -12.86 9.72
N ILE A 200 12.31 -12.20 9.60
CA ILE A 200 12.70 -11.10 10.49
C ILE A 200 12.86 -9.82 9.69
N ASN A 201 11.95 -8.86 9.91
CA ASN A 201 12.00 -7.61 9.16
C ASN A 201 13.31 -6.89 9.37
N THR A 202 13.94 -6.49 8.28
CA THR A 202 15.33 -6.05 8.38
C THR A 202 15.62 -4.77 7.61
N LEU A 203 15.07 -4.67 6.40
CA LEU A 203 15.47 -3.59 5.51
C LEU A 203 14.29 -3.02 4.74
N SER A 204 14.32 -1.71 4.51
CA SER A 204 13.33 -1.08 3.64
C SER A 204 14.05 -0.42 2.46
N PHE A 205 13.41 -0.48 1.29
CA PHE A 205 13.92 0.17 0.09
C PHE A 205 13.61 1.66 0.16
N ASP A 206 14.64 2.51 0.14
CA ASP A 206 14.46 3.95 0.32
C ASP A 206 15.07 4.84 -0.78
N LYS A 207 15.61 4.22 -1.83
CA LYS A 207 16.30 4.97 -2.88
C LYS A 207 15.45 5.27 -4.11
N SER A 208 15.67 6.44 -4.69
CA SER A 208 14.98 6.85 -5.91
C SER A 208 14.94 5.72 -6.95
N GLY A 211 13.29 12.55 -4.65
CA GLY A 211 12.91 11.91 -5.89
C GLY A 211 11.86 10.83 -5.68
N GLU A 212 12.18 9.61 -6.10
CA GLU A 212 11.27 8.48 -5.99
C GLU A 212 11.15 8.00 -4.54
N THR A 213 9.92 8.00 -4.03
CA THR A 213 9.64 7.33 -2.76
C THR A 213 9.06 5.96 -3.09
N PRO A 214 9.88 4.91 -2.93
CA PRO A 214 9.45 3.55 -3.21
C PRO A 214 8.31 3.16 -2.28
N GLU A 215 7.37 2.38 -2.78
CA GLU A 215 6.18 2.03 -2.02
C GLU A 215 6.08 0.52 -1.91
N GLY A 216 5.95 0.00 -0.70
CA GLY A 216 5.72 -1.41 -0.48
C GLY A 216 6.87 -2.33 -0.86
N ILE A 217 8.10 -1.93 -0.54
CA ILE A 217 9.24 -2.79 -0.78
C ILE A 217 10.14 -2.93 0.45
N GLY A 218 9.94 -4.03 1.18
CA GLY A 218 10.73 -4.32 2.36
C GLY A 218 11.33 -5.71 2.30
N PHE A 219 12.33 -5.96 3.14
CA PHE A 219 13.02 -7.25 3.14
C PHE A 219 13.10 -7.87 4.52
N ALA A 220 12.83 -9.17 4.58
CA ALA A 220 12.96 -9.94 5.82
C ALA A 220 13.95 -11.07 5.61
N ILE A 221 14.65 -11.44 6.67
CA ILE A 221 15.48 -12.64 6.66
C ILE A 221 14.52 -13.80 6.83
N PRO A 222 14.56 -14.78 5.90
CA PRO A 222 13.67 -15.94 6.00
C PRO A 222 13.87 -16.65 7.34
N PHE A 223 12.82 -17.24 7.89
CA PHE A 223 12.90 -17.84 9.23
C PHE A 223 13.89 -19.01 9.30
N GLN A 224 13.93 -19.83 8.25
CA GLN A 224 14.83 -20.98 8.23
C GLN A 224 16.28 -20.55 8.38
N LEU A 225 16.67 -19.59 7.56
CA LEU A 225 18.01 -19.02 7.62
C LEU A 225 18.26 -18.33 8.96
N ALA A 226 17.22 -17.73 9.53
CA ALA A 226 17.36 -17.01 10.79
C ALA A 226 17.57 -17.97 11.96
N THR A 227 16.89 -19.12 11.90
CA THR A 227 17.08 -20.15 12.92
C THR A 227 18.52 -20.66 12.92
N LYS A 228 19.01 -21.05 11.74
CA LYS A 228 20.37 -21.55 11.62
C LYS A 228 21.39 -20.57 12.18
N ILE A 229 21.31 -19.32 11.76
CA ILE A 229 22.25 -18.30 12.22
C ILE A 229 22.21 -18.19 13.74
N MET A 230 21.03 -18.32 14.32
CA MET A 230 20.86 -18.23 15.77
C MET A 230 21.60 -19.36 16.46
N ASP A 231 21.29 -20.59 16.07
CA ASP A 231 21.92 -21.76 16.67
C ASP A 231 23.45 -21.67 16.63
N LYS A 232 23.99 -21.32 15.46
CA LYS A 232 25.44 -21.14 15.31
C LYS A 232 26.00 -20.01 16.18
N LEU A 233 25.15 -19.06 16.56
CA LEU A 233 25.58 -17.97 17.42
C LEU A 233 25.54 -18.36 18.89
N ILE A 234 24.60 -19.25 19.23
CA ILE A 234 24.48 -19.72 20.59
C ILE A 234 25.58 -20.75 20.88
N ARG A 235 25.89 -21.57 19.88
CA ARG A 235 26.96 -22.54 19.98
C ARG A 235 28.32 -21.85 19.98
N ASP A 236 28.56 -20.98 19.00
CA ASP A 236 29.80 -20.20 18.93
C ASP A 236 29.50 -18.72 19.00
N GLY A 237 30.40 -17.95 19.60
CA GLY A 237 30.22 -16.51 19.71
C GLY A 237 30.34 -15.82 18.37
N ARG A 238 30.02 -16.55 17.29
CA ARG A 238 30.11 -16.03 15.94
C ARG A 238 29.57 -17.03 14.94
N VAL A 239 29.58 -16.64 13.66
CA VAL A 239 29.16 -17.53 12.58
C VAL A 239 30.37 -17.97 11.76
N ILE A 240 30.54 -19.28 11.62
CA ILE A 240 31.69 -19.83 10.92
C ILE A 240 31.32 -20.23 9.49
N ARG A 241 32.03 -19.67 8.52
CA ARG A 241 31.77 -19.94 7.11
C ARG A 241 33.02 -20.42 6.37
N GLY A 242 32.80 -21.13 5.26
CA GLY A 242 33.89 -21.62 4.45
C GLY A 242 34.44 -20.55 3.52
N TYR A 243 35.77 -20.41 3.52
CA TYR A 243 36.47 -19.44 2.68
C TYR A 243 37.36 -20.19 1.69
N ILE A 244 37.47 -19.65 0.48
CA ILE A 244 38.27 -20.29 -0.56
C ILE A 244 39.13 -19.27 -1.32
N GLY A 245 39.20 -18.05 -0.77
CA GLY A 245 40.07 -17.01 -1.30
C GLY A 245 39.94 -16.75 -2.79
N ILE A 246 38.72 -16.46 -3.23
CA ILE A 246 38.48 -16.21 -4.65
C ILE A 246 37.45 -15.10 -4.88
N GLY A 247 37.76 -14.23 -5.83
CA GLY A 247 36.82 -13.20 -6.26
C GLY A 247 36.51 -13.36 -7.73
N GLY A 248 35.32 -13.85 -8.04
CA GLY A 248 34.98 -14.17 -9.42
C GLY A 248 33.61 -13.73 -9.91
N ARG A 249 33.41 -13.85 -11.22
CA ARG A 249 32.16 -13.49 -11.88
C ARG A 249 31.76 -14.59 -12.86
N GLU A 250 30.47 -14.70 -13.14
CA GLU A 250 29.99 -15.71 -14.08
C GLU A 250 30.39 -15.39 -15.52
N GLN A 265 29.13 -23.11 -19.06
CA GLN A 265 29.12 -22.07 -18.05
C GLN A 265 30.24 -22.27 -17.04
N GLY A 266 30.68 -21.17 -16.43
CA GLY A 266 31.73 -21.22 -15.43
C GLY A 266 31.83 -19.93 -14.64
N ILE A 267 32.85 -19.85 -13.78
CA ILE A 267 33.08 -18.66 -12.96
C ILE A 267 34.55 -18.24 -13.05
N VAL A 268 34.80 -17.11 -13.72
CA VAL A 268 36.16 -16.60 -13.87
C VAL A 268 36.74 -16.15 -12.53
N VAL A 269 38.04 -16.29 -12.37
CA VAL A 269 38.70 -15.87 -11.14
C VAL A 269 39.46 -14.56 -11.35
N ASN A 270 38.79 -13.45 -11.05
CA ASN A 270 39.40 -12.14 -11.21
C ASN A 270 40.56 -11.91 -10.23
N GLU A 271 40.38 -12.37 -8.99
CA GLU A 271 41.40 -12.20 -7.97
C GLU A 271 41.58 -13.49 -7.15
N VAL A 272 42.80 -13.70 -6.67
CA VAL A 272 43.11 -14.85 -5.84
C VAL A 272 43.76 -14.41 -4.54
N SER A 273 43.01 -14.47 -3.45
CA SER A 273 43.51 -14.02 -2.15
C SER A 273 44.84 -14.68 -1.80
N PRO A 274 45.86 -13.86 -1.53
CA PRO A 274 47.21 -14.32 -1.21
C PRO A 274 47.22 -15.23 0.01
N ASP A 275 47.98 -16.33 -0.07
CA ASP A 275 48.10 -17.27 1.04
C ASP A 275 46.74 -17.79 1.49
N GLY A 276 45.75 -17.72 0.60
CA GLY A 276 44.43 -18.24 0.89
C GLY A 276 44.32 -19.69 0.48
N PRO A 277 43.17 -20.32 0.79
CA PRO A 277 42.93 -21.72 0.45
C PRO A 277 43.19 -22.02 -1.03
N ALA A 278 42.71 -21.14 -1.90
CA ALA A 278 42.89 -21.32 -3.34
C ALA A 278 44.30 -20.93 -3.78
N ALA A 279 44.91 -20.00 -3.06
CA ALA A 279 46.27 -19.58 -3.36
C ALA A 279 47.25 -20.72 -3.11
N ASN A 280 47.09 -21.37 -1.97
CA ASN A 280 47.92 -22.52 -1.63
C ASN A 280 47.73 -23.68 -2.61
N ALA A 281 46.51 -23.80 -3.13
CA ALA A 281 46.19 -24.86 -4.09
C ALA A 281 46.74 -24.56 -5.48
N GLY A 282 47.16 -23.33 -5.70
CA GLY A 282 47.81 -22.94 -6.93
C GLY A 282 46.88 -22.49 -8.04
N ILE A 283 45.68 -22.02 -7.67
CA ILE A 283 44.75 -21.50 -8.66
C ILE A 283 45.23 -20.16 -9.19
N GLN A 284 45.11 -19.96 -10.50
CA GLN A 284 45.59 -18.74 -11.12
C GLN A 284 44.48 -17.77 -11.49
N VAL A 285 44.86 -16.52 -11.72
CA VAL A 285 43.92 -15.51 -12.16
C VAL A 285 43.56 -15.76 -13.62
N ASN A 286 42.29 -15.58 -13.95
CA ASN A 286 41.80 -15.71 -15.32
C ASN A 286 41.47 -17.13 -15.76
N ASP A 287 41.56 -18.09 -14.84
CA ASP A 287 41.15 -19.45 -15.17
C ASP A 287 39.70 -19.71 -14.75
N LEU A 288 38.98 -20.45 -15.57
CA LEU A 288 37.55 -20.68 -15.36
C LEU A 288 37.30 -21.85 -14.41
N ILE A 289 36.40 -21.63 -13.45
CA ILE A 289 36.00 -22.71 -12.54
C ILE A 289 34.73 -23.38 -13.01
N ILE A 290 34.80 -24.69 -13.24
CA ILE A 290 33.66 -25.43 -13.77
C ILE A 290 32.77 -25.95 -12.66
N SER A 291 33.37 -26.45 -11.58
CA SER A 291 32.60 -27.03 -10.49
C SER A 291 33.37 -27.06 -9.18
N VAL A 292 32.62 -27.17 -8.09
CA VAL A 292 33.19 -27.20 -6.75
C VAL A 292 32.53 -28.32 -5.95
N ASP A 293 33.35 -29.20 -5.38
CA ASP A 293 32.86 -30.29 -4.55
C ASP A 293 31.82 -31.14 -5.27
N ASN A 294 32.07 -31.43 -6.53
CA ASN A 294 31.19 -32.28 -7.33
C ASN A 294 29.88 -31.59 -7.69
N LYS A 295 29.85 -30.27 -7.55
CA LYS A 295 28.67 -29.49 -7.93
C LYS A 295 29.05 -28.47 -8.99
N PRO A 296 28.39 -28.54 -10.15
CA PRO A 296 28.63 -27.59 -11.25
C PRO A 296 28.39 -26.14 -10.84
N ALA A 297 29.25 -25.24 -11.29
CA ALA A 297 29.20 -23.84 -10.88
C ALA A 297 28.47 -22.97 -11.91
N ILE A 298 27.17 -23.15 -12.01
CA ILE A 298 26.35 -22.39 -12.96
C ILE A 298 26.26 -20.92 -12.56
N SER A 299 25.93 -20.69 -11.29
CA SER A 299 25.78 -19.33 -10.77
C SER A 299 26.78 -19.05 -9.66
N ALA A 300 27.34 -17.84 -9.67
CA ALA A 300 28.33 -17.44 -8.66
C ALA A 300 27.69 -17.27 -7.29
N LEU A 301 26.42 -16.87 -7.26
CA LEU A 301 25.71 -16.67 -6.00
C LEU A 301 25.46 -17.99 -5.26
N GLU A 302 25.05 -19.02 -6.01
CA GLU A 302 24.76 -20.31 -5.40
C GLU A 302 26.01 -21.03 -4.91
N THR A 303 27.11 -20.86 -5.64
CA THR A 303 28.39 -21.45 -5.28
C THR A 303 28.94 -20.85 -3.99
N MET A 304 28.98 -19.52 -3.93
CA MET A 304 29.51 -18.84 -2.75
C MET A 304 28.65 -19.14 -1.52
N ALA A 305 27.43 -19.62 -1.75
CA ALA A 305 26.56 -20.02 -0.67
C ALA A 305 26.96 -21.41 -0.19
N GLN A 306 27.43 -22.23 -1.13
CA GLN A 306 27.84 -23.60 -0.84
C GLN A 306 29.16 -23.65 -0.10
N VAL A 307 30.08 -22.74 -0.48
CA VAL A 307 31.40 -22.69 0.15
C VAL A 307 31.29 -22.27 1.60
N ALA A 308 30.35 -21.37 1.89
CA ALA A 308 30.13 -20.93 3.27
C ALA A 308 29.69 -22.10 4.13
N GLU A 309 28.90 -22.99 3.55
CA GLU A 309 28.36 -24.13 4.28
C GLU A 309 29.45 -25.14 4.67
N ILE A 310 30.40 -25.38 3.77
CA ILE A 310 31.46 -26.35 4.01
C ILE A 310 32.29 -26.01 5.24
N ARG A 311 32.40 -26.96 6.15
CA ARG A 311 33.18 -26.79 7.37
C ARG A 311 34.66 -26.59 7.05
N PRO A 312 35.28 -25.58 7.67
CA PRO A 312 36.70 -25.29 7.45
C PRO A 312 37.57 -26.50 7.74
N GLY A 313 38.53 -26.75 6.86
CA GLY A 313 39.41 -27.90 7.00
C GLY A 313 39.01 -29.03 6.08
N SER A 314 37.81 -28.94 5.53
CA SER A 314 37.32 -29.97 4.62
C SER A 314 38.14 -29.98 3.33
N VAL A 315 38.36 -31.16 2.79
CA VAL A 315 39.12 -31.33 1.55
C VAL A 315 38.17 -31.62 0.40
N ILE A 316 38.14 -30.74 -0.60
CA ILE A 316 37.20 -30.87 -1.70
C ILE A 316 37.86 -30.77 -3.07
N PRO A 317 37.22 -31.31 -4.10
CA PRO A 317 37.64 -31.18 -5.50
C PRO A 317 37.18 -29.85 -6.09
N VAL A 318 37.99 -29.26 -6.97
CA VAL A 318 37.60 -28.05 -7.68
C VAL A 318 38.07 -28.10 -9.13
N VAL A 319 37.16 -28.40 -10.03
CA VAL A 319 37.48 -28.51 -11.46
C VAL A 319 37.56 -27.13 -12.10
N VAL A 320 38.63 -26.89 -12.85
CA VAL A 320 38.79 -25.62 -13.55
C VAL A 320 39.27 -25.83 -14.99
N MET A 321 39.00 -24.85 -15.84
CA MET A 321 39.45 -24.89 -17.23
C MET A 321 40.54 -23.84 -17.47
N ARG A 322 41.72 -24.32 -17.85
CA ARG A 322 42.85 -23.44 -18.11
C ARG A 322 43.48 -23.80 -19.45
N ASP A 323 43.71 -22.80 -20.29
CA ASP A 323 44.27 -23.03 -21.62
C ASP A 323 43.43 -24.05 -22.39
N ASP A 324 42.11 -23.99 -22.19
CA ASP A 324 41.20 -24.96 -22.80
C ASP A 324 41.52 -26.38 -22.32
N LYS A 325 41.88 -26.51 -21.04
CA LYS A 325 42.14 -27.82 -20.45
C LYS A 325 41.38 -27.96 -19.13
N GLN A 326 41.11 -29.19 -18.72
CA GLN A 326 40.40 -29.45 -17.48
C GLN A 326 41.32 -29.97 -16.38
N LEU A 327 41.32 -29.30 -15.24
CA LEU A 327 42.13 -29.71 -14.11
C LEU A 327 41.30 -29.81 -12.82
N THR A 328 41.42 -30.94 -12.13
CA THR A 328 40.77 -31.09 -10.83
C THR A 328 41.79 -30.89 -9.72
N LEU A 329 41.77 -29.72 -9.10
CA LEU A 329 42.66 -29.43 -7.98
C LEU A 329 42.05 -29.92 -6.69
N GLN A 330 42.87 -29.97 -5.63
CA GLN A 330 42.39 -30.28 -4.30
C GLN A 330 42.64 -29.10 -3.38
N VAL A 331 41.57 -28.55 -2.82
CA VAL A 331 41.70 -27.38 -1.95
C VAL A 331 41.20 -27.68 -0.54
N THR A 332 41.86 -27.09 0.45
CA THR A 332 41.43 -27.22 1.84
C THR A 332 40.78 -25.93 2.32
N ILE A 333 39.48 -26.01 2.62
CA ILE A 333 38.69 -24.87 3.06
C ILE A 333 39.19 -24.31 4.39
N GLN A 334 39.17 -22.99 4.51
CA GLN A 334 39.48 -22.33 5.77
C GLN A 334 38.29 -21.48 6.20
N GLU A 335 38.25 -21.07 7.46
CA GLU A 335 37.14 -20.26 7.94
C GLU A 335 37.24 -18.83 7.41
N TYR A 336 36.08 -18.26 7.08
CA TYR A 336 36.00 -16.89 6.55
C TYR A 336 36.65 -15.91 7.53
N PRO A 337 37.62 -15.12 7.05
CA PRO A 337 38.32 -14.13 7.88
C PRO A 337 37.34 -13.18 8.59
N ALA A 338 37.71 -12.74 9.79
CA ALA A 338 36.86 -11.87 10.59
C ALA A 338 36.33 -10.67 9.83
N PHE B 22 -7.21 -24.94 -17.06
CA PHE B 22 -8.10 -24.57 -15.98
C PHE B 22 -9.24 -23.68 -16.48
N ASP B 23 -10.36 -23.68 -15.76
CA ASP B 23 -11.49 -22.81 -16.08
C ASP B 23 -11.94 -22.07 -14.83
N SER B 24 -11.86 -20.75 -14.87
CA SER B 24 -12.19 -19.95 -13.70
C SER B 24 -13.46 -19.12 -13.89
N THR B 25 -14.21 -19.39 -14.96
CA THR B 25 -15.46 -18.69 -15.20
C THR B 25 -16.51 -18.97 -14.12
N ASP B 26 -16.52 -20.19 -13.61
CA ASP B 26 -17.45 -20.57 -12.55
C ASP B 26 -16.98 -20.08 -11.18
N GLU B 27 -15.67 -19.95 -11.03
CA GLU B 27 -15.09 -19.52 -9.76
C GLU B 27 -15.48 -18.09 -9.42
N THR B 28 -15.22 -17.69 -8.17
CA THR B 28 -15.62 -16.38 -7.69
C THR B 28 -14.45 -15.62 -7.06
N PRO B 29 -14.12 -14.45 -7.63
CA PRO B 29 -12.98 -13.65 -7.16
C PRO B 29 -13.18 -13.19 -5.72
N ALA B 30 -12.14 -13.31 -4.90
CA ALA B 30 -12.20 -12.80 -3.55
C ALA B 30 -12.49 -11.31 -3.64
N SER B 31 -13.38 -10.81 -2.79
CA SER B 31 -13.77 -9.41 -2.92
C SER B 31 -14.44 -8.81 -1.68
N TYR B 32 -14.21 -7.53 -1.47
CA TYR B 32 -14.86 -6.78 -0.41
C TYR B 32 -15.91 -5.86 -1.04
N ASN B 33 -16.33 -6.20 -2.25
CA ASN B 33 -17.35 -5.41 -2.91
C ASN B 33 -18.62 -5.29 -2.07
N LEU B 34 -18.93 -6.33 -1.31
CA LEU B 34 -20.13 -6.34 -0.46
C LEU B 34 -20.08 -5.19 0.54
N ALA B 35 -18.98 -5.11 1.28
CA ALA B 35 -18.76 -4.00 2.21
C ALA B 35 -18.86 -2.65 1.50
N VAL B 36 -18.42 -2.60 0.25
CA VAL B 36 -18.45 -1.36 -0.53
C VAL B 36 -19.87 -0.97 -0.90
N ARG B 37 -20.63 -1.94 -1.38
CA ARG B 37 -22.01 -1.67 -1.79
C ARG B 37 -22.84 -1.22 -0.59
N ARG B 38 -22.49 -1.71 0.59
CA ARG B 38 -23.22 -1.38 1.81
C ARG B 38 -22.89 0.00 2.35
N ALA B 39 -21.61 0.35 2.34
CA ALA B 39 -21.15 1.56 3.02
C ALA B 39 -20.97 2.77 2.10
N ALA B 40 -20.32 2.56 0.95
CA ALA B 40 -19.93 3.64 0.06
C ALA B 40 -21.02 4.66 -0.26
N PRO B 41 -22.26 4.19 -0.54
CA PRO B 41 -23.32 5.15 -0.87
C PRO B 41 -23.51 6.22 0.22
N ALA B 42 -23.08 5.93 1.45
CA ALA B 42 -23.33 6.83 2.57
C ALA B 42 -22.13 7.73 2.93
N VAL B 43 -21.01 7.54 2.23
CA VAL B 43 -19.85 8.41 2.43
C VAL B 43 -19.86 9.52 1.38
N VAL B 44 -19.66 10.75 1.84
CA VAL B 44 -19.86 11.91 0.98
C VAL B 44 -18.57 12.69 0.76
N ASN B 45 -18.53 13.49 -0.30
CA ASN B 45 -17.42 14.41 -0.54
C ASN B 45 -17.76 15.74 0.09
N VAL B 46 -16.83 16.28 0.88
CA VAL B 46 -17.03 17.55 1.53
C VAL B 46 -16.07 18.58 0.96
N TYR B 47 -16.60 19.74 0.62
CA TYR B 47 -15.80 20.82 0.07
C TYR B 47 -15.93 22.08 0.91
N ASN B 48 -14.80 22.52 1.44
CA ASN B 48 -14.72 23.76 2.17
C ASN B 48 -14.41 24.88 1.17
N ARG B 49 -15.40 25.72 0.91
CA ARG B 49 -15.26 26.79 -0.06
C ARG B 49 -15.09 28.15 0.62
N GLY B 50 -14.22 28.97 0.06
CA GLY B 50 -13.98 30.29 0.60
C GLY B 50 -13.94 31.35 -0.48
N LEU B 51 -14.34 32.56 -0.12
CA LEU B 51 -14.22 33.73 -0.98
C LEU B 51 -12.77 34.20 -1.03
N ASN B 52 -12.18 34.29 -2.21
CA ASN B 52 -10.80 34.76 -2.28
C ASN B 52 -10.75 36.28 -2.12
N THR B 53 -10.67 36.75 -0.88
CA THR B 53 -10.68 38.18 -0.59
C THR B 53 -9.35 38.85 -0.94
N ASN B 54 -8.39 38.04 -1.36
CA ASN B 54 -7.09 38.56 -1.79
C ASN B 54 -7.15 38.98 -3.27
N SER B 55 -8.05 38.36 -4.01
CA SER B 55 -8.16 38.58 -5.44
C SER B 55 -9.45 39.33 -5.77
N HIS B 56 -10.46 38.62 -6.26
CA HIS B 56 -11.73 39.28 -6.61
C HIS B 56 -12.97 38.59 -6.05
N ASN B 57 -12.81 37.98 -4.87
CA ASN B 57 -13.90 37.32 -4.17
C ASN B 57 -14.46 36.12 -4.90
N GLN B 58 -13.65 35.53 -5.77
CA GLN B 58 -14.08 34.32 -6.44
C GLN B 58 -14.13 33.17 -5.43
N LEU B 59 -15.09 32.28 -5.59
CA LEU B 59 -15.26 31.15 -4.69
C LEU B 59 -14.29 30.04 -5.04
N GLU B 60 -13.43 29.70 -4.09
CA GLU B 60 -12.43 28.66 -4.32
C GLU B 60 -12.49 27.60 -3.24
N ILE B 61 -12.14 26.37 -3.62
CA ILE B 61 -12.04 25.28 -2.66
C ILE B 61 -10.73 25.44 -1.92
N ARG B 62 -10.81 25.67 -0.60
CA ARG B 62 -9.58 25.77 0.18
C ARG B 62 -9.21 24.49 0.94
N THR B 63 -10.20 23.63 1.15
CA THR B 63 -9.97 22.36 1.80
C THR B 63 -11.03 21.41 1.30
N LEU B 64 -10.64 20.18 1.02
CA LEU B 64 -11.64 19.16 0.72
C LEU B 64 -11.42 17.94 1.59
N GLY B 65 -12.49 17.18 1.80
CA GLY B 65 -12.43 16.03 2.67
C GLY B 65 -13.61 15.15 2.37
N SER B 66 -14.00 14.36 3.36
CA SER B 66 -15.10 13.44 3.24
C SER B 66 -15.96 13.53 4.49
N GLY B 67 -17.09 12.82 4.45
CA GLY B 67 -18.02 12.78 5.56
C GLY B 67 -18.85 11.50 5.51
N VAL B 68 -19.51 11.21 6.62
CA VAL B 68 -20.34 10.02 6.71
C VAL B 68 -21.76 10.38 7.13
N ILE B 69 -22.73 9.96 6.33
CA ILE B 69 -24.13 10.16 6.67
C ILE B 69 -24.53 9.18 7.77
N MET B 70 -24.76 9.71 8.97
CA MET B 70 -25.01 8.88 10.15
C MET B 70 -26.48 8.53 10.38
N ASP B 71 -27.40 9.37 9.91
CA ASP B 71 -28.81 8.98 9.92
C ASP B 71 -29.67 9.65 8.84
N GLN B 72 -30.82 9.03 8.58
CA GLN B 72 -31.76 9.45 7.53
C GLN B 72 -32.15 10.93 7.55
N ARG B 73 -32.14 11.55 8.73
CA ARG B 73 -32.47 12.96 8.86
C ARG B 73 -31.47 13.85 8.13
N GLY B 74 -30.30 13.30 7.80
CA GLY B 74 -29.29 14.04 7.05
C GLY B 74 -28.18 14.64 7.90
N TYR B 75 -27.90 14.01 9.04
CA TYR B 75 -26.80 14.42 9.88
C TYR B 75 -25.53 13.71 9.43
N ILE B 76 -24.48 14.50 9.22
CA ILE B 76 -23.23 14.00 8.64
C ILE B 76 -22.05 14.28 9.56
N ILE B 77 -21.19 13.28 9.73
CA ILE B 77 -19.96 13.47 10.50
C ILE B 77 -18.79 13.76 9.56
N THR B 78 -17.92 14.68 9.99
CA THR B 78 -16.66 14.94 9.33
C THR B 78 -15.67 15.42 10.39
N ASN B 79 -14.45 15.75 9.97
CA ASN B 79 -13.47 16.37 10.85
C ASN B 79 -13.65 17.86 10.94
N LYS B 80 -13.43 18.41 12.12
CA LYS B 80 -13.52 19.85 12.29
C LYS B 80 -12.54 20.57 11.38
N HIS B 81 -11.34 20.01 11.24
CA HIS B 81 -10.28 20.66 10.47
C HIS B 81 -10.59 20.73 8.98
N VAL B 82 -11.49 19.87 8.52
CA VAL B 82 -11.94 19.93 7.13
C VAL B 82 -12.79 21.18 6.89
N ILE B 83 -13.61 21.55 7.88
CA ILE B 83 -14.55 22.65 7.69
C ILE B 83 -14.17 23.98 8.34
N ASN B 84 -13.05 24.02 9.06
CA ASN B 84 -12.55 25.27 9.64
C ASN B 84 -12.43 26.38 8.61
N ASP B 85 -12.96 27.55 8.95
CA ASP B 85 -12.80 28.77 8.15
C ASP B 85 -13.60 28.77 6.86
N ALA B 86 -14.40 27.74 6.64
CA ALA B 86 -15.25 27.70 5.46
C ALA B 86 -16.17 28.91 5.43
N ASP B 87 -16.36 29.48 4.25
CA ASP B 87 -17.41 30.47 4.05
C ASP B 87 -18.64 29.72 3.56
N GLN B 88 -18.40 28.58 2.94
CA GLN B 88 -19.47 27.71 2.46
C GLN B 88 -19.05 26.25 2.49
N ILE B 89 -19.96 25.39 2.94
CA ILE B 89 -19.69 23.96 2.99
C ILE B 89 -20.57 23.19 2.02
N ILE B 90 -19.97 22.60 1.00
CA ILE B 90 -20.71 21.82 0.02
C ILE B 90 -20.56 20.32 0.27
N VAL B 91 -21.68 19.61 0.26
CA VAL B 91 -21.70 18.16 0.37
C VAL B 91 -22.19 17.55 -0.93
N ALA B 92 -21.40 16.64 -1.50
CA ALA B 92 -21.77 15.94 -2.72
C ALA B 92 -21.93 14.44 -2.45
N LEU B 93 -23.04 13.87 -2.92
CA LEU B 93 -23.30 12.45 -2.73
C LEU B 93 -22.88 11.66 -3.95
N GLN B 94 -22.61 10.37 -3.75
CA GLN B 94 -22.21 9.50 -4.85
C GLN B 94 -23.31 9.35 -5.90
N ASP B 95 -24.57 9.62 -5.52
CA ASP B 95 -25.68 9.53 -6.47
C ASP B 95 -25.80 10.80 -7.31
N GLY B 96 -24.94 11.77 -7.05
CA GLY B 96 -24.85 12.96 -7.88
C GLY B 96 -25.47 14.19 -7.27
N ARG B 97 -26.23 14.00 -6.19
CA ARG B 97 -26.89 15.13 -5.56
C ARG B 97 -25.87 16.03 -4.86
N VAL B 98 -26.15 17.33 -4.83
CA VAL B 98 -25.24 18.30 -4.23
C VAL B 98 -26.02 19.22 -3.30
N PHE B 99 -25.45 19.49 -2.12
CA PHE B 99 -26.16 20.24 -1.09
C PHE B 99 -25.26 21.28 -0.46
N GLU B 100 -25.86 22.39 -0.06
CA GLU B 100 -25.19 23.28 0.88
C GLU B 100 -25.46 22.71 2.26
N ALA B 101 -24.41 22.59 3.06
CA ALA B 101 -24.51 21.98 4.37
C ALA B 101 -24.49 23.04 5.47
N LEU B 102 -25.27 22.80 6.51
CA LEU B 102 -25.27 23.67 7.67
C LEU B 102 -24.38 23.08 8.75
N LEU B 103 -23.60 23.92 9.40
CA LEU B 103 -22.76 23.47 10.51
C LEU B 103 -23.54 23.35 11.81
N VAL B 104 -23.87 22.12 12.20
CA VAL B 104 -24.64 21.87 13.41
C VAL B 104 -23.81 22.09 14.67
N GLY B 105 -22.53 21.77 14.60
CA GLY B 105 -21.64 21.94 15.73
C GLY B 105 -20.32 21.23 15.49
N SER B 106 -19.31 21.60 16.26
CA SER B 106 -18.01 20.96 16.17
C SER B 106 -17.40 20.81 17.55
N ASP B 107 -16.27 20.11 17.61
CA ASP B 107 -15.57 19.87 18.87
C ASP B 107 -14.11 19.66 18.58
N SER B 108 -13.29 20.64 18.96
CA SER B 108 -11.89 20.64 18.59
C SER B 108 -11.09 19.60 19.36
N LEU B 109 -11.56 19.22 20.54
CA LEU B 109 -10.85 18.23 21.35
C LEU B 109 -10.80 16.86 20.68
N THR B 110 -11.84 16.53 19.92
CA THR B 110 -11.90 15.25 19.21
C THR B 110 -11.79 15.45 17.71
N ASP B 111 -11.65 16.71 17.30
CA ASP B 111 -11.60 17.08 15.90
C ASP B 111 -12.81 16.54 15.12
N LEU B 112 -13.99 16.65 15.71
CA LEU B 112 -15.20 16.20 15.05
C LEU B 112 -16.10 17.37 14.71
N ALA B 113 -16.94 17.19 13.70
CA ALA B 113 -17.93 18.20 13.35
C ALA B 113 -19.19 17.57 12.77
N VAL B 114 -20.31 18.22 12.97
CA VAL B 114 -21.56 17.70 12.44
C VAL B 114 -22.21 18.66 11.46
N LEU B 115 -22.60 18.12 10.32
CA LEU B 115 -23.25 18.88 9.28
C LEU B 115 -24.68 18.37 9.14
N LYS B 116 -25.53 19.22 8.58
CA LYS B 116 -26.90 18.84 8.29
C LYS B 116 -27.25 19.21 6.87
N ILE B 117 -27.77 18.24 6.12
CA ILE B 117 -28.33 18.50 4.79
C ILE B 117 -29.84 18.27 4.77
N ASN B 118 -30.53 19.04 3.93
CA ASN B 118 -31.99 19.10 3.95
C ASN B 118 -32.68 18.40 2.78
N ALA B 119 -32.19 17.22 2.42
CA ALA B 119 -32.78 16.47 1.32
C ALA B 119 -34.22 16.04 1.63
N THR B 120 -35.11 16.29 0.67
CA THR B 120 -36.49 15.84 0.79
C THR B 120 -36.56 14.32 0.72
N GLY B 121 -35.89 13.76 -0.28
CA GLY B 121 -35.81 12.32 -0.43
C GLY B 121 -34.92 11.75 0.66
N GLY B 122 -35.28 10.60 1.20
CA GLY B 122 -34.42 9.90 2.14
C GLY B 122 -33.00 9.82 1.60
N LEU B 123 -32.08 9.35 2.43
CA LEU B 123 -30.69 9.21 2.00
C LEU B 123 -30.00 8.03 2.68
N PRO B 124 -29.00 7.44 2.00
CA PRO B 124 -28.32 6.25 2.52
C PRO B 124 -27.63 6.54 3.84
N THR B 125 -27.52 5.54 4.70
CA THR B 125 -26.80 5.70 5.96
C THR B 125 -25.71 4.64 6.12
N ILE B 126 -24.68 4.96 6.87
CA ILE B 126 -23.59 4.03 7.10
C ILE B 126 -24.05 2.93 8.05
N PRO B 127 -23.78 1.66 7.71
CA PRO B 127 -24.14 0.59 8.63
C PRO B 127 -23.36 0.77 9.93
N ILE B 128 -24.07 0.64 11.05
CA ILE B 128 -23.47 0.80 12.37
C ILE B 128 -23.93 -0.32 13.28
N ASN B 129 -22.98 -1.07 13.81
CA ASN B 129 -23.25 -2.18 14.73
C ASN B 129 -22.68 -1.85 16.11
N ALA B 130 -23.52 -1.27 16.96
CA ALA B 130 -23.11 -0.84 18.29
C ALA B 130 -22.45 -1.93 19.13
N ARG B 131 -22.75 -3.20 18.81
CA ARG B 131 -22.21 -4.32 19.58
C ARG B 131 -20.85 -4.80 19.07
N ARG B 132 -20.53 -4.45 17.83
CA ARG B 132 -19.28 -4.90 17.22
C ARG B 132 -18.06 -4.33 17.95
N VAL B 133 -17.14 -5.21 18.32
CA VAL B 133 -15.87 -4.79 18.89
C VAL B 133 -14.77 -4.93 17.84
N PRO B 134 -14.12 -3.80 17.48
CA PRO B 134 -13.03 -3.91 16.51
C PRO B 134 -11.84 -4.64 17.11
N HIS B 135 -11.17 -5.46 16.33
CA HIS B 135 -10.00 -6.19 16.82
C HIS B 135 -8.79 -5.90 15.97
N ILE B 136 -7.65 -5.79 16.63
CA ILE B 136 -6.38 -5.70 15.95
C ILE B 136 -6.24 -6.87 14.99
N GLY B 137 -6.01 -6.55 13.72
CA GLY B 137 -5.88 -7.57 12.69
C GLY B 137 -7.07 -7.61 11.75
N ASP B 138 -8.16 -6.95 12.14
CA ASP B 138 -9.37 -6.90 11.32
C ASP B 138 -9.12 -6.20 10.00
N VAL B 139 -9.62 -6.78 8.92
CA VAL B 139 -9.56 -6.14 7.62
C VAL B 139 -10.42 -4.88 7.64
N VAL B 140 -9.93 -3.79 7.06
CA VAL B 140 -10.73 -2.56 6.95
C VAL B 140 -10.64 -1.92 5.58
N LEU B 141 -11.66 -1.12 5.28
CA LEU B 141 -11.71 -0.36 4.03
C LEU B 141 -11.85 1.13 4.35
N ALA B 142 -10.96 1.93 3.78
CA ALA B 142 -11.06 3.36 3.89
C ALA B 142 -11.80 3.91 2.68
N ILE B 143 -12.72 4.82 2.92
CA ILE B 143 -13.59 5.36 1.89
C ILE B 143 -13.53 6.88 1.97
N GLY B 144 -13.02 7.52 0.93
CA GLY B 144 -12.94 8.97 0.92
C GLY B 144 -12.69 9.53 -0.46
N ASN B 145 -12.36 10.83 -0.50
CA ASN B 145 -12.12 11.55 -1.75
C ASN B 145 -10.69 12.10 -1.86
N PRO B 146 -9.69 11.21 -1.83
CA PRO B 146 -8.27 11.63 -1.87
C PRO B 146 -7.96 12.48 -3.10
N TYR B 147 -7.34 13.64 -2.90
CA TYR B 147 -6.97 14.54 -4.01
C TYR B 147 -8.11 14.85 -4.99
N ASN B 148 -9.34 14.71 -4.53
CA ASN B 148 -10.51 14.98 -5.37
C ASN B 148 -10.54 14.12 -6.64
N LEU B 149 -10.04 12.89 -6.54
CA LEU B 149 -10.07 11.97 -7.66
C LEU B 149 -11.46 11.39 -7.86
N GLY B 150 -12.28 11.49 -6.83
CA GLY B 150 -13.54 10.77 -6.77
C GLY B 150 -13.47 9.74 -5.65
N GLN B 151 -14.61 9.20 -5.25
CA GLN B 151 -14.61 8.27 -4.12
C GLN B 151 -13.60 7.17 -4.35
N THR B 152 -12.76 6.92 -3.36
CA THR B 152 -11.71 5.92 -3.47
C THR B 152 -11.79 4.94 -2.30
N ILE B 153 -11.68 3.65 -2.61
CA ILE B 153 -11.70 2.63 -1.57
C ILE B 153 -10.32 2.02 -1.47
N THR B 154 -9.72 2.05 -0.28
CA THR B 154 -8.46 1.36 -0.05
C THR B 154 -8.59 0.35 1.07
N GLN B 155 -7.68 -0.62 1.10
CA GLN B 155 -7.78 -1.76 2.01
C GLN B 155 -6.54 -1.90 2.90
N GLY B 156 -6.79 -2.17 4.18
CA GLY B 156 -5.73 -2.43 5.12
C GLY B 156 -6.28 -3.26 6.26
N ILE B 157 -5.65 -3.16 7.43
CA ILE B 157 -6.16 -3.81 8.63
C ILE B 157 -6.13 -2.82 9.80
N ILE B 158 -6.77 -3.18 10.90
CA ILE B 158 -6.62 -2.41 12.12
C ILE B 158 -5.26 -2.80 12.69
N SER B 159 -4.41 -1.80 12.87
CA SER B 159 -3.03 -2.02 13.25
C SER B 159 -2.80 -1.91 14.74
N ALA B 160 -3.75 -1.29 15.43
CA ALA B 160 -3.61 -0.99 16.86
C ALA B 160 -4.82 -0.17 17.32
N THR B 161 -5.02 -0.13 18.64
CA THR B 161 -6.16 0.57 19.22
C THR B 161 -5.69 1.41 20.42
N GLY B 162 -6.51 2.40 20.78
CA GLY B 162 -6.17 3.32 21.85
C GLY B 162 -4.85 4.06 21.66
N ARG B 163 -4.60 4.56 20.46
CA ARG B 163 -3.28 5.12 20.12
C ARG B 163 -2.94 6.55 20.61
N ILE B 164 -3.95 7.42 20.67
CA ILE B 164 -3.77 8.83 21.00
C ILE B 164 -3.18 9.73 19.89
N GLY B 165 -2.74 9.11 18.81
CA GLY B 165 -2.36 9.83 17.61
C GLY B 165 -0.98 10.44 17.62
N LEU B 166 -0.73 11.39 16.71
CA LEU B 166 0.56 12.04 16.59
C LEU B 166 0.87 12.91 17.79
N ASN B 167 -0.06 13.80 18.10
CA ASN B 167 0.12 14.73 19.20
C ASN B 167 0.16 14.02 20.55
N PRO B 168 1.16 14.36 21.37
CA PRO B 168 1.35 13.79 22.70
C PRO B 168 0.10 14.02 23.55
N THR B 169 -0.26 13.04 24.38
CA THR B 169 -1.43 13.14 25.25
C THR B 169 -2.67 13.54 24.45
N GLY B 170 -3.37 14.56 24.92
CA GLY B 170 -4.56 15.04 24.23
C GLY B 170 -5.80 14.26 24.60
N ARG B 171 -5.62 13.21 25.39
CA ARG B 171 -6.73 12.38 25.85
C ARG B 171 -7.57 11.85 24.70
N GLN B 172 -6.91 11.41 23.63
CA GLN B 172 -7.61 10.91 22.45
C GLN B 172 -7.35 9.43 22.21
N ASN B 173 -8.40 8.71 21.84
CA ASN B 173 -8.31 7.28 21.57
C ASN B 173 -8.44 7.04 20.08
N PHE B 174 -7.38 6.51 19.44
CA PHE B 174 -7.38 6.31 17.99
C PHE B 174 -7.25 4.86 17.59
N LEU B 175 -7.96 4.46 16.54
CA LEU B 175 -7.63 3.24 15.82
C LEU B 175 -6.51 3.61 14.89
N GLN B 176 -5.51 2.75 14.79
CA GLN B 176 -4.44 2.90 13.81
C GLN B 176 -4.68 1.91 12.67
N THR B 177 -4.38 2.33 11.44
CA THR B 177 -4.65 1.49 10.27
C THR B 177 -3.59 1.71 9.19
N ASP B 178 -3.39 0.70 8.35
CA ASP B 178 -2.46 0.78 7.22
C ASP B 178 -3.19 0.89 5.90
N ALA B 179 -4.51 1.05 5.94
CA ALA B 179 -5.24 1.36 4.72
C ALA B 179 -4.73 2.69 4.21
N SER B 180 -4.32 2.72 2.94
CA SER B 180 -3.71 3.93 2.37
C SER B 180 -4.66 5.12 2.45
N ILE B 181 -4.18 6.16 3.15
CA ILE B 181 -4.99 7.33 3.46
C ILE B 181 -4.24 8.58 2.98
N ASN B 182 -4.96 9.53 2.37
CA ASN B 182 -4.34 10.71 1.75
C ASN B 182 -5.18 11.97 1.96
N PRO B 183 -4.57 13.15 1.75
CA PRO B 183 -5.37 14.38 1.85
C PRO B 183 -6.67 14.22 1.07
N GLY B 184 -7.79 14.49 1.72
CA GLY B 184 -9.09 14.24 1.13
C GLY B 184 -9.85 13.11 1.83
N ASN B 185 -9.12 12.18 2.45
CA ASN B 185 -9.74 11.09 3.23
C ASN B 185 -10.35 11.57 4.56
N GLY B 187 -12.35 12.74 7.58
CA GLY B 187 -13.78 12.79 7.81
C GLY B 187 -14.54 11.62 7.22
N GLY B 188 -13.84 10.77 6.47
CA GLY B 188 -14.47 9.66 5.78
C GLY B 188 -14.49 8.38 6.60
N ALA B 189 -15.05 7.33 6.01
CA ALA B 189 -15.35 6.11 6.74
C ALA B 189 -14.24 5.06 6.68
N LEU B 190 -14.03 4.40 7.82
CA LEU B 190 -13.25 3.18 7.90
C LEU B 190 -14.22 2.09 8.33
N VAL B 191 -14.42 1.08 7.49
CA VAL B 191 -15.40 0.02 7.76
C VAL B 191 -14.78 -1.37 7.66
N ASN B 192 -15.46 -2.38 8.19
CA ASN B 192 -14.94 -3.74 8.09
C ASN B 192 -15.51 -4.48 6.87
N SER B 193 -15.25 -5.78 6.78
CA SER B 193 -15.64 -6.52 5.58
C SER B 193 -17.15 -6.69 5.49
N LEU B 194 -17.86 -6.31 6.54
CA LEU B 194 -19.31 -6.42 6.58
C LEU B 194 -19.95 -5.08 6.23
N GLY B 195 -19.14 -4.03 6.22
CA GLY B 195 -19.62 -2.70 5.90
C GLY B 195 -19.93 -1.88 7.13
N GLU B 196 -19.60 -2.41 8.31
CA GLU B 196 -19.89 -1.72 9.56
C GLU B 196 -18.84 -0.66 9.85
N LEU B 197 -19.29 0.46 10.40
CA LEU B 197 -18.40 1.58 10.66
C LEU B 197 -17.47 1.30 11.83
N MET B 198 -16.16 1.34 11.56
CA MET B 198 -15.16 1.16 12.61
C MET B 198 -14.68 2.50 13.14
N GLY B 199 -14.51 3.47 12.25
CA GLY B 199 -14.01 4.76 12.66
C GLY B 199 -14.07 5.81 11.58
N ILE B 200 -13.67 7.02 11.95
CA ILE B 200 -13.64 8.16 11.04
C ILE B 200 -12.18 8.53 10.80
N ASN B 201 -11.71 8.35 9.58
CA ASN B 201 -10.33 8.64 9.23
C ASN B 201 -10.01 10.14 9.43
N THR B 202 -8.92 10.41 10.12
CA THR B 202 -8.70 11.75 10.66
C THR B 202 -7.29 12.27 10.39
N LEU B 203 -6.30 11.40 10.40
CA LEU B 203 -4.92 11.83 10.50
C LEU B 203 -3.97 10.82 9.89
N SER B 204 -2.96 11.31 9.19
CA SER B 204 -1.91 10.46 8.66
C SER B 204 -0.62 10.78 9.40
N PHE B 205 0.13 9.75 9.79
CA PHE B 205 1.41 9.98 10.46
C PHE B 205 2.44 10.43 9.46
N ASP B 206 3.28 11.39 9.86
CA ASP B 206 4.29 11.95 8.95
C ASP B 206 5.44 12.61 9.71
N GLY B 211 14.25 12.09 7.77
CA GLY B 211 14.10 12.37 6.36
C GLY B 211 13.20 11.39 5.62
N GLU B 212 12.93 10.25 6.24
CA GLU B 212 12.07 9.23 5.66
C GLU B 212 10.60 9.64 5.64
N THR B 213 9.81 8.95 4.82
CA THR B 213 8.37 9.19 4.77
C THR B 213 7.64 7.98 5.32
N PRO B 214 6.97 8.16 6.47
CA PRO B 214 6.26 7.05 7.10
C PRO B 214 5.26 6.40 6.14
N GLU B 215 5.23 5.09 6.12
CA GLU B 215 4.33 4.37 5.22
C GLU B 215 3.29 3.58 6.02
N GLY B 216 2.02 3.68 5.64
CA GLY B 216 0.97 2.86 6.22
C GLY B 216 0.62 3.10 7.68
N ILE B 217 0.77 4.33 8.14
CA ILE B 217 0.42 4.69 9.51
C ILE B 217 -0.63 5.80 9.52
N GLY B 218 -1.89 5.41 9.69
CA GLY B 218 -2.99 6.37 9.71
C GLY B 218 -3.88 6.20 10.93
N PHE B 219 -4.62 7.23 11.29
CA PHE B 219 -5.43 7.19 12.50
C PHE B 219 -6.89 7.54 12.25
N ALA B 220 -7.76 6.85 12.96
CA ALA B 220 -9.20 7.09 12.88
C ALA B 220 -9.81 7.23 14.28
N ILE B 221 -10.83 8.08 14.38
CA ILE B 221 -11.61 8.19 15.62
C ILE B 221 -12.47 6.94 15.70
N PRO B 222 -12.42 6.20 16.82
CA PRO B 222 -13.26 5.00 16.95
C PRO B 222 -14.74 5.38 16.84
N PHE B 223 -15.54 4.52 16.21
CA PHE B 223 -16.94 4.86 15.94
C PHE B 223 -17.77 5.07 17.21
N GLN B 224 -17.45 4.34 18.26
CA GLN B 224 -18.21 4.47 19.50
C GLN B 224 -18.13 5.90 20.00
N LEU B 225 -16.94 6.48 19.90
CA LEU B 225 -16.71 7.87 20.30
C LEU B 225 -17.37 8.87 19.34
N ALA B 226 -17.30 8.58 18.04
CA ALA B 226 -17.88 9.46 17.03
C ALA B 226 -19.39 9.60 17.23
N THR B 227 -20.07 8.47 17.43
CA THR B 227 -21.52 8.46 17.66
C THR B 227 -21.91 9.21 18.94
N LYS B 228 -21.08 9.05 19.97
CA LYS B 228 -21.28 9.73 21.24
C LYS B 228 -21.20 11.24 21.06
N ILE B 229 -20.14 11.72 20.40
CA ILE B 229 -19.97 13.16 20.20
C ILE B 229 -21.04 13.72 19.26
N MET B 230 -21.39 12.96 18.23
CA MET B 230 -22.41 13.40 17.29
C MET B 230 -23.74 13.67 18.00
N ASP B 231 -24.13 12.75 18.87
CA ASP B 231 -25.40 12.90 19.59
C ASP B 231 -25.38 14.15 20.46
N LYS B 232 -24.28 14.36 21.16
CA LYS B 232 -24.13 15.56 21.98
C LYS B 232 -24.20 16.84 21.16
N LEU B 233 -23.51 16.85 20.03
CA LEU B 233 -23.52 18.04 19.18
C LEU B 233 -24.91 18.33 18.60
N ILE B 234 -25.60 17.28 18.17
CA ILE B 234 -26.95 17.44 17.64
C ILE B 234 -27.89 18.01 18.70
N ARG B 235 -27.67 17.60 19.96
CA ARG B 235 -28.53 18.00 21.06
C ARG B 235 -28.25 19.40 21.61
N ASP B 236 -26.98 19.74 21.84
CA ASP B 236 -26.66 20.99 22.50
C ASP B 236 -25.99 22.01 21.58
N GLY B 237 -25.67 21.59 20.37
CA GLY B 237 -24.92 22.44 19.45
C GLY B 237 -23.45 22.56 19.82
N ARG B 238 -23.06 21.86 20.88
CA ARG B 238 -21.67 21.83 21.33
C ARG B 238 -21.54 20.65 22.29
N VAL B 239 -20.33 20.26 22.62
CA VAL B 239 -20.13 19.17 23.57
C VAL B 239 -19.90 19.70 24.98
N ILE B 240 -20.86 19.46 25.85
CA ILE B 240 -20.77 19.92 27.24
C ILE B 240 -20.05 18.88 28.08
N ARG B 241 -18.95 19.30 28.72
CA ARG B 241 -18.17 18.42 29.57
C ARG B 241 -18.19 18.91 31.00
N GLY B 242 -18.37 17.98 31.94
CA GLY B 242 -18.29 18.30 33.36
C GLY B 242 -16.89 18.78 33.73
N TYR B 243 -16.84 19.69 34.70
CA TYR B 243 -15.59 20.31 35.11
C TYR B 243 -15.44 20.21 36.62
N ILE B 244 -14.24 19.89 37.08
CA ILE B 244 -13.98 19.84 38.51
C ILE B 244 -13.31 21.12 39.01
N GLY B 245 -12.29 21.58 38.28
CA GLY B 245 -11.59 22.81 38.64
C GLY B 245 -10.22 22.58 39.24
N ILE B 246 -9.75 21.34 39.22
CA ILE B 246 -8.44 20.99 39.76
C ILE B 246 -7.51 20.47 38.67
N ILE B 267 -4.27 10.37 43.48
CA ILE B 267 -3.98 11.49 42.59
C ILE B 267 -3.76 12.78 43.36
N VAL B 268 -2.53 13.28 43.32
CA VAL B 268 -2.17 14.48 44.07
C VAL B 268 -2.52 15.76 43.32
N VAL B 269 -3.00 16.75 44.06
CA VAL B 269 -3.35 18.05 43.50
C VAL B 269 -2.16 19.00 43.57
N ASN B 270 -2.08 19.91 42.60
CA ASN B 270 -1.01 20.90 42.57
C ASN B 270 -1.55 22.31 42.34
N GLU B 271 -2.66 22.39 41.59
CA GLU B 271 -3.27 23.68 41.28
C GLU B 271 -4.79 23.59 41.30
N VAL B 272 -5.41 24.53 41.99
CA VAL B 272 -6.87 24.57 42.07
C VAL B 272 -7.40 25.85 41.42
N SER B 273 -8.26 25.68 40.42
CA SER B 273 -8.81 26.80 39.67
C SER B 273 -9.59 27.77 40.56
N PRO B 274 -9.36 29.07 40.37
CA PRO B 274 -10.00 30.14 41.16
C PRO B 274 -11.52 30.12 41.08
N ASP B 275 -12.18 29.94 42.21
CA ASP B 275 -13.63 29.99 42.30
C ASP B 275 -14.32 28.89 41.51
N GLY B 276 -13.57 27.86 41.14
CA GLY B 276 -14.12 26.73 40.43
C GLY B 276 -14.83 25.76 41.38
N PRO B 277 -15.57 24.79 40.84
CA PRO B 277 -16.23 23.79 41.68
C PRO B 277 -15.20 23.15 42.60
N ALA B 278 -13.97 23.07 42.13
CA ALA B 278 -12.86 22.49 42.88
C ALA B 278 -12.46 23.39 44.05
N ALA B 279 -12.22 24.66 43.76
CA ALA B 279 -11.90 25.64 44.79
C ALA B 279 -12.95 25.59 45.89
N ASN B 280 -14.22 25.56 45.49
CA ASN B 280 -15.31 25.40 46.43
C ASN B 280 -15.30 24.01 47.05
N ALA B 281 -16.01 23.85 48.16
CA ALA B 281 -15.92 22.63 48.96
C ALA B 281 -14.59 22.63 49.70
N GLY B 282 -13.94 23.79 49.75
CA GLY B 282 -12.73 23.97 50.51
C GLY B 282 -11.58 23.06 50.16
N ILE B 283 -11.43 22.73 48.88
CA ILE B 283 -10.31 21.92 48.42
C ILE B 283 -9.02 22.73 48.54
N GLN B 284 -7.95 22.06 48.97
CA GLN B 284 -6.70 22.72 49.29
C GLN B 284 -5.59 22.36 48.31
N VAL B 285 -4.65 23.28 48.11
CA VAL B 285 -3.44 22.95 47.37
C VAL B 285 -2.64 21.97 48.23
N ASN B 286 -2.08 20.95 47.59
CA ASN B 286 -1.43 19.85 48.30
C ASN B 286 -2.44 18.82 48.82
N ASP B 287 -3.72 19.07 48.58
CA ASP B 287 -4.78 18.16 48.98
C ASP B 287 -4.69 16.87 48.18
N LEU B 288 -5.09 15.76 48.79
CA LEU B 288 -5.05 14.46 48.13
C LEU B 288 -6.45 13.88 47.96
N ILE B 289 -6.71 13.32 46.78
CA ILE B 289 -8.00 12.71 46.48
C ILE B 289 -7.84 11.23 46.13
N ILE B 290 -8.71 10.39 46.67
CA ILE B 290 -8.63 8.95 46.46
C ILE B 290 -9.86 8.40 45.76
N SER B 291 -10.98 9.11 45.86
CA SER B 291 -12.22 8.65 45.28
C SER B 291 -13.07 9.80 44.74
N VAL B 292 -13.78 9.54 43.64
CA VAL B 292 -14.66 10.53 43.03
C VAL B 292 -15.96 9.88 42.56
N ASP B 293 -17.08 10.40 43.04
CA ASP B 293 -18.39 9.88 42.66
C ASP B 293 -18.48 8.37 42.88
N ASN B 294 -17.96 7.92 44.02
CA ASN B 294 -17.96 6.50 44.34
C ASN B 294 -17.19 5.67 43.32
N LYS B 295 -15.99 6.14 42.99
CA LYS B 295 -15.11 5.44 42.05
C LYS B 295 -13.66 5.62 42.45
N PRO B 296 -12.82 4.61 42.14
CA PRO B 296 -11.39 4.65 42.49
C PRO B 296 -10.60 5.65 41.66
N ALA B 297 -9.92 6.58 42.34
CA ALA B 297 -9.03 7.52 41.67
C ALA B 297 -7.74 6.81 41.30
N ILE B 298 -7.80 5.96 40.28
CA ILE B 298 -6.68 5.12 39.89
C ILE B 298 -5.84 5.77 38.80
N LEU B 301 -6.12 10.50 34.02
CA LEU B 301 -6.86 10.44 32.77
C LEU B 301 -8.23 9.79 32.94
N GLU B 302 -8.26 8.69 33.69
CA GLU B 302 -9.50 7.95 33.90
C GLU B 302 -10.53 8.79 34.64
N THR B 303 -10.06 9.53 35.63
CA THR B 303 -10.93 10.39 36.42
C THR B 303 -11.52 11.50 35.55
N MET B 304 -10.69 12.07 34.69
CA MET B 304 -11.11 13.21 33.87
C MET B 304 -12.12 12.81 32.79
N ALA B 305 -12.01 11.59 32.27
CA ALA B 305 -12.99 11.08 31.33
C ALA B 305 -14.32 10.83 32.06
N GLN B 306 -14.23 10.37 33.30
CA GLN B 306 -15.42 10.13 34.11
C GLN B 306 -16.14 11.43 34.45
N VAL B 307 -15.40 12.41 34.94
CA VAL B 307 -15.98 13.71 35.28
C VAL B 307 -16.53 14.44 34.06
N ALA B 308 -15.87 14.28 32.91
CA ALA B 308 -16.28 14.95 31.69
C ALA B 308 -17.71 14.63 31.30
N GLU B 309 -18.09 13.35 31.43
CA GLU B 309 -19.45 12.94 31.10
C GLU B 309 -20.48 13.47 32.09
N ILE B 310 -20.05 13.70 33.32
CA ILE B 310 -20.94 14.12 34.39
C ILE B 310 -21.66 15.44 34.07
N ARG B 311 -22.99 15.39 34.12
CA ARG B 311 -23.82 16.55 33.79
C ARG B 311 -23.59 17.71 34.76
N PRO B 312 -23.47 18.93 34.20
CA PRO B 312 -23.37 20.16 35.01
C PRO B 312 -24.61 20.39 35.85
N GLY B 313 -24.41 20.53 37.15
CA GLY B 313 -25.51 20.70 38.09
C GLY B 313 -25.50 19.60 39.13
N SER B 314 -25.04 18.42 38.73
CA SER B 314 -24.93 17.28 39.62
C SER B 314 -23.90 17.53 40.71
N VAL B 315 -24.16 17.01 41.91
CA VAL B 315 -23.24 17.16 43.03
C VAL B 315 -22.55 15.84 43.36
N ILE B 316 -21.27 15.91 43.69
CA ILE B 316 -20.47 14.70 43.91
C ILE B 316 -19.48 14.85 45.05
N PRO B 317 -19.43 13.84 45.94
CA PRO B 317 -18.55 13.83 47.11
C PRO B 317 -17.13 13.38 46.76
N VAL B 318 -16.14 13.95 47.43
CA VAL B 318 -14.75 13.55 47.28
C VAL B 318 -14.00 13.74 48.60
N VAL B 319 -12.71 13.41 48.61
CA VAL B 319 -11.89 13.61 49.80
C VAL B 319 -10.46 14.01 49.44
N THR B 328 -14.90 14.63 53.74
CA THR B 328 -15.67 14.50 52.49
C THR B 328 -16.12 15.86 51.97
N LEU B 329 -15.45 16.32 50.91
CA LEU B 329 -15.76 17.59 50.28
C LEU B 329 -16.89 17.43 49.26
N GLN B 330 -17.91 18.27 49.35
CA GLN B 330 -19.07 18.18 48.47
C GLN B 330 -19.00 19.22 47.35
N VAL B 331 -18.86 18.76 46.12
CA VAL B 331 -18.69 19.65 44.98
C VAL B 331 -19.80 19.51 43.94
N THR B 332 -20.34 20.64 43.51
CA THR B 332 -21.34 20.65 42.44
C THR B 332 -20.65 20.83 41.08
N ILE B 333 -20.80 19.82 40.22
CA ILE B 333 -20.20 19.84 38.90
C ILE B 333 -20.76 20.99 38.07
N GLN B 334 -19.88 21.70 37.38
CA GLN B 334 -20.31 22.78 36.50
C GLN B 334 -19.74 22.61 35.09
N GLU B 335 -20.35 23.28 34.12
CA GLU B 335 -19.88 23.18 32.74
C GLU B 335 -18.51 23.82 32.52
N TYR B 336 -17.61 23.08 31.89
CA TYR B 336 -16.28 23.57 31.54
C TYR B 336 -16.37 24.36 30.25
N PRO B 337 -15.86 25.60 30.25
CA PRO B 337 -15.86 26.51 29.07
C PRO B 337 -14.61 26.39 28.21
N ALA B 338 -14.70 25.69 27.09
CA ALA B 338 -13.53 25.48 26.24
C ALA B 338 -13.19 26.70 25.39
N THR B 339 -14.22 27.29 24.79
CA THR B 339 -14.04 28.32 23.77
C THR B 339 -13.24 27.76 22.60
N GLU C 27 -4.36 -27.20 8.34
CA GLU C 27 -4.45 -25.76 8.46
C GLU C 27 -3.54 -25.07 7.44
N THR C 28 -4.15 -24.37 6.49
CA THR C 28 -3.38 -23.71 5.44
C THR C 28 -3.43 -22.17 5.55
N PRO C 29 -2.27 -21.53 5.44
CA PRO C 29 -2.18 -20.07 5.47
C PRO C 29 -3.00 -19.44 4.35
N ALA C 30 -3.59 -18.28 4.62
CA ALA C 30 -4.29 -17.52 3.61
C ALA C 30 -3.29 -17.11 2.55
N SER C 31 -3.66 -17.23 1.29
CA SER C 31 -2.69 -17.06 0.21
C SER C 31 -3.34 -16.75 -1.14
N TYR C 32 -2.61 -16.00 -1.97
CA TYR C 32 -3.03 -15.76 -3.34
C TYR C 32 -2.06 -16.44 -4.32
N ASN C 33 -1.32 -17.41 -3.79
CA ASN C 33 -0.34 -18.14 -4.60
C ASN C 33 -0.96 -18.74 -5.87
N LEU C 34 -2.20 -19.19 -5.77
CA LEU C 34 -2.89 -19.74 -6.94
C LEU C 34 -2.87 -18.75 -8.11
N ALA C 35 -3.35 -17.54 -7.87
CA ALA C 35 -3.35 -16.51 -8.89
C ALA C 35 -1.93 -16.25 -9.39
N VAL C 36 -0.96 -16.30 -8.47
CA VAL C 36 0.44 -16.14 -8.82
C VAL C 36 0.90 -17.23 -9.77
N ARG C 37 0.64 -18.49 -9.40
CA ARG C 37 1.06 -19.62 -10.22
C ARG C 37 0.38 -19.62 -11.58
N ARG C 38 -0.82 -19.06 -11.64
CA ARG C 38 -1.58 -19.02 -12.88
C ARG C 38 -1.16 -17.90 -13.84
N ALA C 39 -0.83 -16.74 -13.31
CA ALA C 39 -0.64 -15.55 -14.15
C ALA C 39 0.81 -15.10 -14.28
N ALA C 40 1.54 -15.15 -13.17
CA ALA C 40 2.90 -14.61 -13.13
C ALA C 40 3.83 -15.15 -14.22
N PRO C 41 3.73 -16.45 -14.55
CA PRO C 41 4.62 -16.98 -15.59
C PRO C 41 4.50 -16.22 -16.91
N ALA C 42 3.32 -15.64 -17.16
CA ALA C 42 3.07 -14.94 -18.41
C ALA C 42 3.46 -13.45 -18.37
N VAL C 43 4.00 -12.99 -17.24
CA VAL C 43 4.47 -11.61 -17.14
C VAL C 43 5.99 -11.53 -17.27
N VAL C 44 6.44 -10.73 -18.23
CA VAL C 44 7.86 -10.68 -18.59
C VAL C 44 8.54 -9.38 -18.18
N ASN C 45 9.86 -9.42 -18.07
CA ASN C 45 10.65 -8.22 -17.89
C ASN C 45 10.99 -7.65 -19.25
N VAL C 46 10.71 -6.37 -19.44
CA VAL C 46 10.94 -5.71 -20.71
C VAL C 46 12.06 -4.69 -20.57
N TYR C 47 13.07 -4.79 -21.42
CA TYR C 47 14.21 -3.88 -21.38
C TYR C 47 14.36 -3.07 -22.67
N ASN C 48 14.40 -1.76 -22.52
CA ASN C 48 14.59 -0.83 -23.63
C ASN C 48 16.03 -0.33 -23.66
N ARG C 49 16.79 -0.70 -24.69
CA ARG C 49 18.19 -0.26 -24.75
C ARG C 49 18.53 0.63 -25.94
N GLY C 50 19.53 1.49 -25.75
CA GLY C 50 20.05 2.36 -26.79
C GLY C 50 21.53 2.60 -26.54
N LEU C 51 22.25 3.08 -27.55
CA LEU C 51 23.69 3.32 -27.41
C LEU C 51 23.99 4.77 -27.02
N ASN C 52 24.44 4.96 -25.78
CA ASN C 52 24.75 6.29 -25.28
C ASN C 52 25.98 6.89 -25.94
N GLN C 58 28.25 1.47 -26.22
CA GLN C 58 27.32 0.52 -26.84
C GLN C 58 25.93 0.61 -26.23
N LEU C 59 25.21 -0.50 -26.25
CA LEU C 59 23.85 -0.57 -25.73
C LEU C 59 23.80 -0.44 -24.21
N GLU C 60 23.08 0.55 -23.74
CA GLU C 60 22.79 0.68 -22.32
C GLU C 60 21.27 0.69 -22.13
N ILE C 61 20.81 0.14 -21.01
CA ILE C 61 19.38 0.15 -20.70
C ILE C 61 18.93 1.58 -20.38
N ARG C 62 18.02 2.11 -21.20
CA ARG C 62 17.51 3.46 -20.98
C ARG C 62 16.18 3.45 -20.21
N THR C 63 15.43 2.36 -20.34
CA THR C 63 14.19 2.18 -19.59
C THR C 63 13.95 0.70 -19.40
N LEU C 64 13.17 0.36 -18.39
CA LEU C 64 12.72 -1.01 -18.20
C LEU C 64 11.32 -1.03 -17.64
N GLY C 65 10.62 -2.12 -17.91
CA GLY C 65 9.26 -2.25 -17.46
C GLY C 65 8.86 -3.70 -17.52
N SER C 66 7.58 -3.94 -17.75
CA SER C 66 7.08 -5.30 -17.81
C SER C 66 6.16 -5.44 -19.00
N GLY C 67 5.73 -6.66 -19.27
CA GLY C 67 4.82 -6.91 -20.37
C GLY C 67 4.09 -8.19 -20.09
N VAL C 68 3.03 -8.43 -20.85
CA VAL C 68 2.19 -9.59 -20.61
C VAL C 68 2.07 -10.39 -21.90
N ILE C 69 2.27 -11.71 -21.82
CA ILE C 69 2.11 -12.56 -22.99
C ILE C 69 0.63 -12.90 -23.15
N MET C 70 0.04 -12.43 -24.24
CA MET C 70 -1.40 -12.51 -24.43
C MET C 70 -1.87 -13.79 -25.12
N ASP C 71 -1.13 -14.24 -26.13
CA ASP C 71 -1.48 -15.48 -26.82
C ASP C 71 -0.25 -16.31 -27.20
N GLN C 72 -0.51 -17.53 -27.65
CA GLN C 72 0.56 -18.49 -27.92
C GLN C 72 1.51 -18.03 -29.03
N ARG C 73 0.99 -17.26 -29.98
CA ARG C 73 1.79 -16.78 -31.11
C ARG C 73 2.96 -15.90 -30.66
N GLY C 74 2.95 -15.47 -29.40
CA GLY C 74 4.05 -14.69 -28.87
C GLY C 74 3.87 -13.19 -28.93
N TYR C 75 2.63 -12.72 -29.07
CA TYR C 75 2.34 -11.30 -28.98
C TYR C 75 2.29 -10.83 -27.52
N ILE C 76 3.02 -9.76 -27.22
CA ILE C 76 3.09 -9.24 -25.87
C ILE C 76 2.56 -7.81 -25.81
N ILE C 77 1.80 -7.52 -24.76
CA ILE C 77 1.37 -6.15 -24.50
C ILE C 77 2.27 -5.47 -23.47
N THR C 78 2.51 -4.19 -23.68
CA THR C 78 3.26 -3.35 -22.74
C THR C 78 2.83 -1.89 -22.93
N ASN C 79 3.37 -0.98 -22.12
CA ASN C 79 3.10 0.45 -22.33
C ASN C 79 4.02 0.98 -23.45
N LYS C 80 3.53 1.97 -24.19
CA LYS C 80 4.35 2.60 -25.22
C LYS C 80 5.55 3.35 -24.64
N HIS C 81 5.37 3.97 -23.48
CA HIS C 81 6.42 4.78 -22.88
C HIS C 81 7.57 3.93 -22.32
N VAL C 82 7.35 2.63 -22.24
CA VAL C 82 8.39 1.71 -21.83
C VAL C 82 9.34 1.40 -23.01
N ILE C 83 8.78 1.28 -24.21
CA ILE C 83 9.58 0.87 -25.37
C ILE C 83 9.82 1.97 -26.38
N ASN C 84 9.47 3.20 -26.03
CA ASN C 84 9.74 4.33 -26.92
C ASN C 84 11.22 4.49 -27.26
N ASP C 85 11.50 4.86 -28.50
CA ASP C 85 12.86 5.13 -28.94
C ASP C 85 13.85 4.04 -28.55
N ALA C 86 13.44 2.78 -28.71
CA ALA C 86 14.32 1.67 -28.40
C ALA C 86 15.10 1.23 -29.63
N ASP C 87 16.42 1.11 -29.48
CA ASP C 87 17.25 0.55 -30.54
C ASP C 87 17.12 -0.97 -30.51
N GLN C 88 16.98 -1.51 -29.31
CA GLN C 88 16.76 -2.94 -29.14
C GLN C 88 15.85 -3.20 -27.93
N ILE C 89 14.90 -4.10 -28.10
CA ILE C 89 13.98 -4.43 -27.03
C ILE C 89 14.19 -5.89 -26.60
N ILE C 90 14.61 -6.07 -25.35
CA ILE C 90 14.83 -7.40 -24.81
C ILE C 90 13.67 -7.80 -23.90
N VAL C 91 13.19 -9.02 -24.08
CA VAL C 91 12.13 -9.56 -23.24
C VAL C 91 12.62 -10.80 -22.52
N ALA C 92 12.54 -10.80 -21.19
CA ALA C 92 13.00 -11.94 -20.41
C ALA C 92 11.84 -12.59 -19.67
N LEU C 93 11.72 -13.91 -19.79
CA LEU C 93 10.66 -14.65 -19.12
C LEU C 93 11.14 -15.16 -17.76
N GLN C 94 10.18 -15.57 -16.93
CA GLN C 94 10.50 -16.06 -15.60
C GLN C 94 11.16 -17.44 -15.63
N ASP C 95 10.98 -18.17 -16.72
CA ASP C 95 11.56 -19.50 -16.85
C ASP C 95 13.01 -19.47 -17.35
N GLY C 96 13.53 -18.27 -17.56
CA GLY C 96 14.92 -18.11 -17.95
C GLY C 96 15.15 -17.68 -19.39
N ARG C 97 14.25 -18.06 -20.29
CA ARG C 97 14.42 -17.71 -21.69
C ARG C 97 14.45 -16.19 -21.90
N VAL C 98 15.20 -15.76 -22.88
CA VAL C 98 15.35 -14.35 -23.20
C VAL C 98 15.29 -14.16 -24.70
N PHE C 99 14.44 -13.24 -25.15
CA PHE C 99 14.29 -13.01 -26.59
C PHE C 99 14.60 -11.58 -26.96
N GLU C 100 14.81 -11.36 -28.25
CA GLU C 100 14.80 -10.02 -28.79
C GLU C 100 13.41 -9.82 -29.36
N ALA C 101 12.76 -8.75 -28.97
CA ALA C 101 11.38 -8.55 -29.38
C ALA C 101 11.29 -7.71 -30.64
N LEU C 102 10.27 -7.99 -31.44
CA LEU C 102 9.92 -7.13 -32.56
C LEU C 102 8.78 -6.21 -32.12
N LEU C 103 8.89 -4.93 -32.49
CA LEU C 103 7.82 -3.99 -32.23
C LEU C 103 6.75 -4.11 -33.29
N VAL C 104 5.61 -4.66 -32.92
CA VAL C 104 4.48 -4.82 -33.82
C VAL C 104 3.76 -3.49 -34.07
N GLY C 105 3.53 -2.73 -33.00
CA GLY C 105 2.85 -1.46 -33.13
C GLY C 105 2.70 -0.80 -31.78
N SER C 106 2.39 0.50 -31.80
CA SER C 106 2.19 1.25 -30.57
C SER C 106 1.08 2.28 -30.77
N ASP C 107 0.52 2.75 -29.67
CA ASP C 107 -0.57 3.71 -29.73
C ASP C 107 -0.43 4.66 -28.55
N SER C 108 -0.04 5.89 -28.83
CA SER C 108 0.26 6.84 -27.76
C SER C 108 -1.00 7.40 -27.08
N LEU C 109 -2.13 7.28 -27.75
CA LEU C 109 -3.40 7.79 -27.23
C LEU C 109 -3.84 6.97 -26.01
N THR C 110 -3.54 5.67 -26.05
CA THR C 110 -3.84 4.79 -24.93
C THR C 110 -2.56 4.30 -24.23
N ASP C 111 -1.41 4.81 -24.67
CA ASP C 111 -0.12 4.38 -24.14
C ASP C 111 0.07 2.85 -24.16
N LEU C 112 -0.32 2.22 -25.27
CA LEU C 112 -0.12 0.78 -25.40
C LEU C 112 0.82 0.44 -26.56
N ALA C 113 1.40 -0.76 -26.51
CA ALA C 113 2.28 -1.21 -27.56
C ALA C 113 2.30 -2.73 -27.57
N VAL C 114 2.49 -3.32 -28.75
CA VAL C 114 2.56 -4.77 -28.87
C VAL C 114 3.94 -5.21 -29.35
N LEU C 115 4.51 -6.17 -28.62
CA LEU C 115 5.75 -6.80 -29.02
C LEU C 115 5.44 -8.17 -29.60
N LYS C 116 6.42 -8.73 -30.30
CA LYS C 116 6.30 -10.07 -30.83
C LYS C 116 7.61 -10.81 -30.61
N ILE C 117 7.53 -12.00 -30.03
CA ILE C 117 8.70 -12.85 -29.90
C ILE C 117 8.40 -14.19 -30.53
N ASN C 118 9.42 -14.82 -31.09
CA ASN C 118 9.24 -16.09 -31.77
C ASN C 118 9.83 -17.22 -30.94
N ALA C 119 8.96 -18.07 -30.41
CA ALA C 119 9.39 -19.15 -29.53
C ALA C 119 9.12 -20.53 -30.13
N THR C 120 10.18 -21.32 -30.25
CA THR C 120 10.05 -22.70 -30.71
C THR C 120 9.32 -23.52 -29.65
N GLY C 121 9.66 -23.27 -28.38
CA GLY C 121 8.97 -23.91 -27.27
C GLY C 121 7.65 -23.21 -27.00
N GLY C 122 6.78 -23.86 -26.24
CA GLY C 122 5.51 -23.25 -25.88
C GLY C 122 5.73 -22.01 -25.04
N LEU C 123 4.76 -21.10 -25.06
CA LEU C 123 4.82 -19.90 -24.23
C LEU C 123 3.70 -19.90 -23.18
N PRO C 124 4.02 -19.45 -21.95
CA PRO C 124 2.94 -19.26 -20.98
C PRO C 124 2.07 -18.10 -21.45
N THR C 125 0.79 -18.14 -21.16
CA THR C 125 -0.08 -17.03 -21.50
C THR C 125 -0.88 -16.54 -20.29
N ILE C 126 -1.23 -15.26 -20.32
CA ILE C 126 -2.02 -14.67 -19.26
C ILE C 126 -3.44 -15.21 -19.34
N PRO C 127 -4.00 -15.63 -18.19
CA PRO C 127 -5.40 -16.06 -18.11
C PRO C 127 -6.34 -14.90 -18.40
N ILE C 128 -7.30 -15.10 -19.30
CA ILE C 128 -8.22 -14.02 -19.68
C ILE C 128 -9.67 -14.47 -19.75
N ASN C 129 -10.53 -13.76 -19.02
CA ASN C 129 -11.95 -14.08 -18.99
C ASN C 129 -12.79 -12.90 -19.49
N ALA C 130 -13.17 -12.95 -20.76
CA ALA C 130 -13.91 -11.87 -21.39
C ALA C 130 -15.24 -11.55 -20.71
N ARG C 131 -15.83 -12.53 -20.02
CA ARG C 131 -17.14 -12.32 -19.38
C ARG C 131 -17.01 -11.60 -18.04
N ARG C 132 -15.84 -11.71 -17.42
CA ARG C 132 -15.62 -11.16 -16.08
C ARG C 132 -15.79 -9.64 -16.00
N VAL C 133 -16.62 -9.19 -15.06
CA VAL C 133 -16.80 -7.77 -14.79
C VAL C 133 -16.09 -7.40 -13.50
N PRO C 134 -15.04 -6.56 -13.58
CA PRO C 134 -14.30 -6.13 -12.40
C PRO C 134 -15.17 -5.25 -11.49
N HIS C 135 -15.11 -5.49 -10.20
CA HIS C 135 -15.89 -4.70 -9.26
C HIS C 135 -14.97 -4.00 -8.27
N ILE C 136 -15.37 -2.81 -7.85
CA ILE C 136 -14.67 -2.08 -6.81
C ILE C 136 -14.64 -2.92 -5.55
N GLY C 137 -13.47 -3.10 -4.97
CA GLY C 137 -13.31 -3.94 -3.81
C GLY C 137 -12.76 -5.33 -4.10
N ASP C 138 -12.66 -5.69 -5.38
CA ASP C 138 -12.04 -6.96 -5.75
C ASP C 138 -10.56 -6.93 -5.36
N VAL C 139 -10.10 -7.97 -4.68
CA VAL C 139 -8.68 -8.15 -4.39
C VAL C 139 -7.86 -8.31 -5.68
N VAL C 140 -6.77 -7.56 -5.80
CA VAL C 140 -5.93 -7.65 -6.99
C VAL C 140 -4.45 -7.80 -6.65
N LEU C 141 -3.69 -8.31 -7.60
CA LEU C 141 -2.25 -8.44 -7.49
C LEU C 141 -1.60 -7.71 -8.65
N ALA C 142 -0.57 -6.93 -8.36
CA ALA C 142 0.22 -6.30 -9.40
C ALA C 142 1.47 -7.13 -9.61
N ILE C 143 1.74 -7.47 -10.87
CA ILE C 143 2.91 -8.28 -11.20
C ILE C 143 3.78 -7.53 -12.19
N GLY C 144 4.99 -7.18 -11.76
CA GLY C 144 5.92 -6.45 -12.59
C GLY C 144 7.35 -6.53 -12.10
N ASN C 145 8.20 -5.66 -12.63
CA ASN C 145 9.62 -5.67 -12.28
C ASN C 145 10.12 -4.33 -11.72
N PRO C 146 9.64 -3.95 -10.53
CA PRO C 146 9.97 -2.64 -9.96
C PRO C 146 11.46 -2.49 -9.67
N TYR C 147 12.05 -1.40 -10.13
CA TYR C 147 13.46 -1.10 -9.86
C TYR C 147 14.39 -2.22 -10.32
N ASN C 148 13.89 -3.06 -11.23
CA ASN C 148 14.65 -4.19 -11.75
C ASN C 148 15.11 -5.16 -10.65
N LEU C 149 14.29 -5.29 -9.61
CA LEU C 149 14.61 -6.22 -8.52
C LEU C 149 14.31 -7.67 -8.91
N GLY C 150 13.55 -7.84 -9.99
CA GLY C 150 13.02 -9.15 -10.34
C GLY C 150 11.51 -9.12 -10.19
N GLN C 151 10.82 -10.10 -10.77
CA GLN C 151 9.36 -10.10 -10.72
C GLN C 151 8.83 -9.96 -9.31
N THR C 152 8.07 -8.91 -9.08
CA THR C 152 7.47 -8.66 -7.78
C THR C 152 5.95 -8.76 -7.86
N ILE C 153 5.36 -9.29 -6.79
CA ILE C 153 3.91 -9.36 -6.66
C ILE C 153 3.50 -8.53 -5.46
N THR C 154 2.60 -7.56 -5.66
CA THR C 154 2.05 -6.79 -4.56
C THR C 154 0.54 -6.93 -4.52
N GLN C 155 -0.05 -6.72 -3.35
CA GLN C 155 -1.48 -6.94 -3.21
C GLN C 155 -2.26 -5.70 -2.79
N GLY C 156 -3.47 -5.57 -3.32
CA GLY C 156 -4.37 -4.49 -2.97
C GLY C 156 -5.77 -4.82 -3.46
N ILE C 157 -6.58 -3.81 -3.73
CA ILE C 157 -7.92 -4.02 -4.24
C ILE C 157 -8.18 -3.06 -5.40
N ILE C 158 -9.33 -3.21 -6.04
CA ILE C 158 -9.79 -2.23 -7.02
C ILE C 158 -10.41 -1.05 -6.26
N SER C 159 -9.82 0.13 -6.41
CA SER C 159 -10.18 1.32 -5.66
C SER C 159 -11.32 2.11 -6.31
N ALA C 160 -11.31 2.13 -7.64
CA ALA C 160 -12.37 2.77 -8.44
C ALA C 160 -12.30 2.29 -9.89
N THR C 161 -13.29 2.66 -10.69
CA THR C 161 -13.27 2.37 -12.12
C THR C 161 -13.62 3.60 -12.94
N GLY C 162 -13.39 3.53 -14.25
CA GLY C 162 -13.74 4.62 -15.15
C GLY C 162 -13.09 5.94 -14.78
N ARG C 163 -11.90 5.88 -14.21
CA ARG C 163 -11.13 7.08 -13.88
C ARG C 163 -10.42 7.67 -15.10
N ILE C 164 -10.67 8.93 -15.39
CA ILE C 164 -9.83 9.66 -16.32
C ILE C 164 -8.48 9.90 -15.64
N GLY C 165 -7.41 9.91 -16.43
CA GLY C 165 -6.07 10.12 -15.90
C GLY C 165 -5.85 9.52 -14.52
N ASN C 167 -6.08 12.75 -17.19
CA ASN C 167 -5.85 12.82 -18.63
C ASN C 167 -7.11 13.22 -19.41
N PRO C 168 -7.15 14.47 -19.88
CA PRO C 168 -8.29 15.05 -20.62
C PRO C 168 -8.58 14.36 -21.95
N THR C 169 -7.67 13.53 -22.46
CA THR C 169 -7.91 12.83 -23.72
C THR C 169 -9.19 12.02 -23.61
N GLY C 170 -9.45 11.51 -22.41
CA GLY C 170 -10.63 10.69 -22.17
C GLY C 170 -10.56 9.37 -22.92
N ARG C 171 -9.35 8.93 -23.24
CA ARG C 171 -9.19 7.69 -23.99
C ARG C 171 -8.52 6.56 -23.21
N GLN C 172 -8.36 6.72 -21.90
CA GLN C 172 -7.70 5.68 -21.11
C GLN C 172 -8.61 4.91 -20.12
N ASN C 173 -9.55 5.61 -19.49
CA ASN C 173 -10.55 4.94 -18.65
C ASN C 173 -9.98 3.97 -17.63
N PHE C 174 -9.13 4.46 -16.74
CA PHE C 174 -8.36 3.61 -15.85
C PHE C 174 -9.17 2.87 -14.78
N LEU C 175 -8.66 1.70 -14.40
CA LEU C 175 -8.99 1.11 -13.12
C LEU C 175 -8.01 1.74 -12.14
N GLN C 176 -8.50 2.09 -10.96
CA GLN C 176 -7.62 2.58 -9.91
C GLN C 176 -7.38 1.46 -8.90
N THR C 177 -6.15 1.35 -8.41
CA THR C 177 -5.81 0.31 -7.44
C THR C 177 -4.83 0.81 -6.38
N ASP C 178 -4.78 0.11 -5.24
CA ASP C 178 -3.83 0.45 -4.19
C ASP C 178 -2.76 -0.63 -3.99
N ALA C 179 -2.63 -1.51 -4.97
CA ALA C 179 -1.50 -2.44 -4.97
C ALA C 179 -0.27 -1.61 -5.25
N SER C 180 0.74 -1.70 -4.40
CA SER C 180 1.96 -0.92 -4.55
C SER C 180 2.56 -1.04 -5.95
N ILE C 181 2.75 0.10 -6.57
CA ILE C 181 3.25 0.19 -7.94
C ILE C 181 4.46 1.12 -7.90
N ASN C 182 5.51 0.76 -8.62
CA ASN C 182 6.71 1.58 -8.69
C ASN C 182 7.30 1.56 -10.09
N PRO C 183 8.25 2.46 -10.38
CA PRO C 183 8.90 2.40 -11.69
C PRO C 183 9.39 0.99 -12.01
N GLY C 184 8.94 0.46 -13.14
CA GLY C 184 9.24 -0.91 -13.52
C GLY C 184 8.00 -1.79 -13.61
N ASN C 185 6.92 -1.36 -12.96
CA ASN C 185 5.66 -2.09 -13.04
C ASN C 185 4.94 -1.85 -14.37
N GLY C 187 3.43 -1.74 -17.87
CA GLY C 187 3.29 -2.81 -18.84
C GLY C 187 2.94 -4.15 -18.23
N GLY C 188 3.06 -4.24 -16.90
CA GLY C 188 2.80 -5.48 -16.20
C GLY C 188 1.32 -5.72 -15.92
N ALA C 189 1.02 -6.85 -15.30
CA ALA C 189 -0.36 -7.27 -15.12
C ALA C 189 -0.97 -6.88 -13.78
N LEU C 190 -2.26 -6.56 -13.82
CA LEU C 190 -3.09 -6.49 -12.64
C LEU C 190 -4.09 -7.64 -12.76
N VAL C 191 -3.97 -8.65 -11.92
CA VAL C 191 -4.90 -9.77 -11.98
C VAL C 191 -5.73 -9.86 -10.69
N ASN C 192 -6.85 -10.61 -10.76
CA ASN C 192 -7.65 -10.87 -9.57
C ASN C 192 -7.18 -12.14 -8.88
N SER C 193 -7.90 -12.60 -7.86
CA SER C 193 -7.45 -13.75 -7.07
C SER C 193 -7.53 -15.07 -7.83
N LEU C 194 -8.05 -15.02 -9.06
CA LEU C 194 -8.17 -16.21 -9.90
C LEU C 194 -7.12 -16.20 -11.01
N GLY C 195 -6.21 -15.22 -10.96
CA GLY C 195 -5.18 -15.09 -11.96
C GLY C 195 -5.68 -14.48 -13.27
N GLU C 196 -6.96 -14.10 -13.29
CA GLU C 196 -7.56 -13.48 -14.47
C GLU C 196 -7.06 -12.04 -14.63
N LEU C 197 -6.65 -11.70 -15.84
CA LEU C 197 -6.18 -10.36 -16.12
C LEU C 197 -7.29 -9.33 -15.88
N MET C 198 -7.01 -8.34 -15.04
CA MET C 198 -7.91 -7.21 -14.83
C MET C 198 -7.47 -6.00 -15.64
N GLY C 199 -6.15 -5.83 -15.79
CA GLY C 199 -5.64 -4.68 -16.52
C GLY C 199 -4.13 -4.62 -16.60
N ILE C 200 -3.65 -3.59 -17.30
CA ILE C 200 -2.23 -3.35 -17.50
C ILE C 200 -1.78 -2.13 -16.69
N ASN C 201 -0.93 -2.37 -15.69
CA ASN C 201 -0.44 -1.30 -14.84
C ASN C 201 0.32 -0.25 -15.63
N THR C 202 -0.12 0.99 -15.54
CA THR C 202 0.32 2.03 -16.45
C THR C 202 0.83 3.29 -15.76
N LEU C 203 0.18 3.69 -14.68
CA LEU C 203 0.40 4.99 -14.08
C LEU C 203 0.44 4.98 -12.56
N SER C 204 1.24 5.88 -12.01
CA SER C 204 1.28 6.12 -10.57
C SER C 204 1.02 7.61 -10.32
N PHE C 205 0.09 7.92 -9.41
CA PHE C 205 -0.27 9.30 -9.11
C PHE C 205 0.85 9.97 -8.30
N ASP C 206 1.44 11.03 -8.83
CA ASP C 206 2.64 11.64 -8.25
C ASP C 206 2.43 13.02 -7.64
N LYS C 207 1.32 13.66 -7.98
CA LYS C 207 1.01 14.98 -7.44
C LYS C 207 0.95 14.98 -5.91
N GLU C 212 3.66 16.56 -0.37
CA GLU C 212 3.64 15.24 0.24
C GLU C 212 3.67 14.14 -0.82
N THR C 213 3.77 12.91 -0.37
CA THR C 213 3.87 11.76 -1.26
C THR C 213 2.56 10.99 -1.23
N PRO C 214 1.85 10.96 -2.36
CA PRO C 214 0.60 10.18 -2.44
C PRO C 214 0.87 8.71 -2.13
N GLU C 215 -0.05 8.05 -1.44
CA GLU C 215 0.15 6.65 -1.06
C GLU C 215 -1.01 5.78 -1.57
N GLY C 216 -0.67 4.69 -2.25
CA GLY C 216 -1.65 3.72 -2.70
C GLY C 216 -2.62 4.18 -3.78
N ILE C 217 -2.12 4.93 -4.76
CA ILE C 217 -2.95 5.41 -5.86
C ILE C 217 -2.28 5.14 -7.19
N GLY C 218 -2.67 4.04 -7.82
CA GLY C 218 -2.09 3.64 -9.09
C GLY C 218 -3.20 3.35 -10.10
N PHE C 219 -2.87 3.35 -11.38
CA PHE C 219 -3.86 3.17 -12.42
C PHE C 219 -3.45 2.12 -13.45
N ALA C 220 -4.43 1.36 -13.92
CA ALA C 220 -4.21 0.33 -14.92
C ALA C 220 -5.22 0.46 -16.06
N ILE C 221 -4.80 0.07 -17.26
CA ILE C 221 -5.72 0.03 -18.40
C ILE C 221 -6.56 -1.24 -18.32
N PRO C 222 -7.89 -1.10 -18.37
CA PRO C 222 -8.80 -2.26 -18.28
C PRO C 222 -8.52 -3.26 -19.41
N PHE C 223 -8.59 -4.55 -19.12
CA PHE C 223 -8.22 -5.56 -20.10
C PHE C 223 -9.07 -5.52 -21.37
N GLN C 224 -10.33 -5.14 -21.25
CA GLN C 224 -11.21 -5.07 -22.40
C GLN C 224 -10.69 -4.06 -23.41
N LEU C 225 -10.22 -2.92 -22.94
CA LEU C 225 -9.61 -1.92 -23.79
C LEU C 225 -8.23 -2.37 -24.29
N ALA C 226 -7.48 -3.06 -23.45
CA ALA C 226 -6.16 -3.57 -23.82
C ALA C 226 -6.26 -4.55 -24.97
N THR C 227 -7.22 -5.46 -24.87
CA THR C 227 -7.44 -6.48 -25.91
C THR C 227 -7.87 -5.87 -27.23
N LYS C 228 -8.82 -4.93 -27.15
CA LYS C 228 -9.33 -4.26 -28.34
C LYS C 228 -8.19 -3.58 -29.10
N ILE C 229 -7.33 -2.89 -28.38
CA ILE C 229 -6.19 -2.20 -28.98
C ILE C 229 -5.13 -3.18 -29.47
N MET C 230 -4.97 -4.32 -28.77
CA MET C 230 -3.98 -5.30 -29.18
C MET C 230 -4.30 -5.88 -30.54
N ASP C 231 -5.53 -6.33 -30.71
CA ASP C 231 -5.96 -6.98 -31.95
C ASP C 231 -5.88 -6.00 -33.12
N LYS C 232 -6.19 -4.75 -32.83
CA LYS C 232 -6.12 -3.69 -33.83
C LYS C 232 -4.67 -3.43 -34.24
N LEU C 233 -3.77 -3.37 -33.25
CA LEU C 233 -2.36 -3.15 -33.51
C LEU C 233 -1.77 -4.29 -34.33
N ILE C 234 -2.06 -5.52 -33.92
CA ILE C 234 -1.57 -6.70 -34.61
C ILE C 234 -2.04 -6.73 -36.06
N ARG C 235 -3.28 -6.28 -36.28
CA ARG C 235 -3.92 -6.35 -37.59
C ARG C 235 -3.42 -5.28 -38.57
N ASP C 236 -3.33 -4.04 -38.11
CA ASP C 236 -3.06 -2.92 -39.01
C ASP C 236 -1.70 -2.24 -38.80
N GLY C 237 -0.96 -2.70 -37.79
CA GLY C 237 0.34 -2.12 -37.47
C GLY C 237 0.19 -0.88 -36.60
N ARG C 238 -1.02 -0.33 -36.60
CA ARG C 238 -1.36 0.84 -35.80
C ARG C 238 -2.87 0.83 -35.56
N VAL C 239 -3.35 1.70 -34.68
CA VAL C 239 -4.79 1.82 -34.44
C VAL C 239 -5.40 2.83 -35.40
N ILE C 240 -6.18 2.33 -36.36
CA ILE C 240 -6.84 3.21 -37.30
C ILE C 240 -8.13 3.75 -36.69
N ARG C 241 -8.16 5.06 -36.46
CA ARG C 241 -9.30 5.71 -35.83
C ARG C 241 -9.99 6.69 -36.78
N GLY C 242 -11.32 6.67 -36.78
CA GLY C 242 -12.09 7.70 -37.44
C GLY C 242 -11.93 9.00 -36.67
N TYR C 243 -12.25 10.11 -37.33
CA TYR C 243 -12.04 11.44 -36.75
C TYR C 243 -12.99 12.45 -37.39
N ILE C 244 -13.58 13.31 -36.56
CA ILE C 244 -14.51 14.32 -37.06
C ILE C 244 -14.07 15.75 -36.77
N GLY C 245 -13.08 15.91 -35.90
CA GLY C 245 -12.53 17.23 -35.64
C GLY C 245 -13.44 18.09 -34.78
N ILE C 246 -13.76 17.59 -33.60
CA ILE C 246 -14.66 18.27 -32.69
C ILE C 246 -14.25 18.07 -31.24
N GLY C 247 -14.31 19.15 -30.47
CA GLY C 247 -14.15 19.07 -29.04
C GLY C 247 -15.52 19.23 -28.40
N GLY C 248 -16.01 18.17 -27.77
CA GLY C 248 -17.37 18.18 -27.26
C GLY C 248 -17.53 17.57 -25.88
N ARG C 249 -18.59 17.98 -25.19
CA ARG C 249 -18.93 17.42 -23.90
C ARG C 249 -20.43 17.34 -23.75
N GLU C 250 -20.91 16.18 -23.32
CA GLU C 250 -22.32 15.98 -23.03
C GLU C 250 -22.74 16.90 -21.90
N ILE C 251 -24.00 17.34 -21.93
CA ILE C 251 -24.55 18.18 -20.88
C ILE C 251 -25.15 17.33 -19.77
N ALA C 252 -25.42 17.94 -18.64
CA ALA C 252 -26.24 17.32 -17.61
C ALA C 252 -27.69 17.37 -18.11
N PRO C 253 -28.57 16.54 -17.53
CA PRO C 253 -29.98 16.47 -17.97
C PRO C 253 -30.63 17.85 -18.08
N GLN C 263 -34.79 20.26 -22.66
CA GLN C 263 -33.61 20.35 -23.50
C GLN C 263 -33.19 18.98 -24.02
N LEU C 264 -33.04 18.88 -25.34
CA LEU C 264 -32.58 17.64 -25.96
C LEU C 264 -31.21 17.25 -25.42
N GLN C 265 -31.00 15.96 -25.21
CA GLN C 265 -29.71 15.48 -24.73
C GLN C 265 -28.77 15.31 -25.92
N GLY C 266 -27.48 15.43 -25.65
CA GLY C 266 -26.49 15.27 -26.70
C GLY C 266 -25.19 15.96 -26.37
N ILE C 267 -24.26 15.92 -27.31
CA ILE C 267 -22.93 16.46 -27.09
C ILE C 267 -22.84 17.89 -27.60
N VAL C 268 -22.44 18.81 -26.72
CA VAL C 268 -22.25 20.20 -27.11
C VAL C 268 -20.89 20.37 -27.77
N VAL C 269 -20.86 21.01 -28.93
CA VAL C 269 -19.60 21.26 -29.62
C VAL C 269 -18.93 22.51 -29.05
N ASN C 270 -17.74 22.32 -28.49
CA ASN C 270 -16.97 23.43 -27.93
C ASN C 270 -15.94 23.96 -28.91
N GLU C 271 -15.18 23.04 -29.50
CA GLU C 271 -14.17 23.40 -30.48
C GLU C 271 -14.44 22.71 -31.81
N VAL C 272 -14.08 23.38 -32.89
CA VAL C 272 -14.19 22.80 -34.22
C VAL C 272 -12.84 22.90 -34.92
N SER C 273 -12.14 21.78 -35.00
CA SER C 273 -10.83 21.74 -35.62
C SER C 273 -10.88 22.32 -37.02
N PRO C 274 -10.05 23.34 -37.30
CA PRO C 274 -10.03 24.04 -38.58
C PRO C 274 -9.73 23.10 -39.74
N ASP C 275 -10.56 23.13 -40.78
CA ASP C 275 -10.39 22.26 -41.93
C ASP C 275 -10.57 20.78 -41.60
N GLY C 276 -11.00 20.49 -40.37
CA GLY C 276 -11.37 19.14 -40.00
C GLY C 276 -12.67 18.78 -40.69
N PRO C 277 -13.09 17.51 -40.57
CA PRO C 277 -14.33 17.05 -41.22
C PRO C 277 -15.53 17.89 -40.80
N ALA C 278 -15.61 18.20 -39.51
CA ALA C 278 -16.75 18.93 -38.96
C ALA C 278 -16.84 20.36 -39.47
N ALA C 279 -15.71 21.05 -39.45
CA ALA C 279 -15.66 22.43 -39.93
C ALA C 279 -16.11 22.48 -41.39
N ASN C 280 -15.57 21.59 -42.19
CA ASN C 280 -15.91 21.53 -43.62
C ASN C 280 -17.41 21.33 -43.88
N ALA C 281 -18.06 20.51 -43.07
CA ALA C 281 -19.49 20.23 -43.25
C ALA C 281 -20.38 21.31 -42.66
N GLY C 282 -19.78 22.29 -41.99
CA GLY C 282 -20.50 23.44 -41.51
C GLY C 282 -21.02 23.35 -40.09
N ILE C 283 -20.50 22.41 -39.31
CA ILE C 283 -20.84 22.34 -37.90
C ILE C 283 -20.16 23.50 -37.18
N GLN C 284 -20.84 24.03 -36.17
CA GLN C 284 -20.36 25.22 -35.47
C GLN C 284 -20.26 24.98 -33.97
N VAL C 285 -19.48 25.83 -33.31
CA VAL C 285 -19.44 25.85 -31.86
C VAL C 285 -20.84 26.13 -31.33
N ASN C 286 -21.18 25.52 -30.19
CA ASN C 286 -22.44 25.78 -29.50
C ASN C 286 -23.68 25.13 -30.11
N ASP C 287 -23.53 24.25 -31.09
CA ASP C 287 -24.66 23.45 -31.50
C ASP C 287 -24.61 22.08 -30.83
N LEU C 288 -25.75 21.43 -30.73
CA LEU C 288 -25.86 20.21 -29.94
C LEU C 288 -25.98 19.02 -30.87
N ILE C 289 -25.04 18.09 -30.75
CA ILE C 289 -25.09 16.88 -31.56
C ILE C 289 -26.03 15.85 -30.95
N ILE C 290 -27.04 15.46 -31.72
CA ILE C 290 -28.11 14.59 -31.23
C ILE C 290 -28.00 13.19 -31.83
N SER C 291 -27.32 13.09 -32.97
CA SER C 291 -27.18 11.83 -33.68
C SER C 291 -25.92 11.85 -34.53
N VAL C 292 -25.23 10.72 -34.54
CA VAL C 292 -24.03 10.57 -35.35
C VAL C 292 -24.12 9.24 -36.06
N ASP C 293 -24.04 9.27 -37.38
CA ASP C 293 -24.13 8.06 -38.19
C ASP C 293 -25.28 7.18 -37.74
N ASN C 294 -26.45 7.78 -37.60
CA ASN C 294 -27.67 7.04 -37.29
C ASN C 294 -27.65 6.33 -35.93
N LYS C 295 -26.92 6.92 -34.98
CA LYS C 295 -26.95 6.47 -33.59
C LYS C 295 -27.12 7.69 -32.70
N PRO C 296 -27.92 7.55 -31.65
CA PRO C 296 -28.18 8.63 -30.70
C PRO C 296 -26.87 9.09 -30.04
N ALA C 297 -26.68 10.40 -29.95
CA ALA C 297 -25.56 10.94 -29.19
C ALA C 297 -25.98 11.11 -27.73
N ILE C 298 -25.80 10.06 -26.94
CA ILE C 298 -26.19 10.10 -25.54
C ILE C 298 -24.99 10.41 -24.64
N SER C 299 -23.82 9.90 -25.02
CA SER C 299 -22.61 10.03 -24.21
C SER C 299 -21.41 10.41 -25.06
N ALA C 300 -20.69 11.45 -24.64
CA ALA C 300 -19.49 11.90 -25.35
C ALA C 300 -18.49 10.77 -25.53
N LEU C 301 -18.29 9.99 -24.48
CA LEU C 301 -17.41 8.83 -24.52
C LEU C 301 -17.93 7.74 -25.46
N GLU C 302 -19.22 7.43 -25.35
CA GLU C 302 -19.80 6.36 -26.16
C GLU C 302 -19.75 6.73 -27.64
N THR C 303 -20.01 8.00 -27.94
CA THR C 303 -19.95 8.47 -29.30
C THR C 303 -18.53 8.47 -29.83
N MET C 304 -17.59 8.94 -29.01
CA MET C 304 -16.20 9.03 -29.43
C MET C 304 -15.65 7.65 -29.79
N ALA C 305 -16.12 6.63 -29.10
CA ALA C 305 -15.72 5.26 -29.38
C ALA C 305 -16.34 4.78 -30.68
N GLN C 306 -17.48 5.36 -31.04
CA GLN C 306 -18.20 4.99 -32.25
C GLN C 306 -17.60 5.65 -33.49
N VAL C 307 -17.24 6.92 -33.35
CA VAL C 307 -16.53 7.65 -34.39
C VAL C 307 -15.21 6.96 -34.76
N ALA C 308 -14.48 6.48 -33.76
CA ALA C 308 -13.21 5.81 -33.99
C ALA C 308 -13.37 4.60 -34.89
N GLU C 309 -14.50 3.90 -34.77
CA GLU C 309 -14.75 2.70 -35.56
C GLU C 309 -15.11 2.99 -37.01
N ILE C 310 -15.43 4.23 -37.32
CA ILE C 310 -15.87 4.58 -38.66
C ILE C 310 -14.69 4.70 -39.59
N ARG C 311 -14.77 4.02 -40.73
CA ARG C 311 -13.68 4.01 -41.69
C ARG C 311 -13.51 5.37 -42.35
N PRO C 312 -12.28 5.90 -42.33
CA PRO C 312 -11.98 7.18 -42.98
C PRO C 312 -12.50 7.22 -44.43
N GLY C 313 -13.05 8.35 -44.83
CA GLY C 313 -13.63 8.49 -46.15
C GLY C 313 -15.14 8.32 -46.15
N SER C 314 -15.66 7.62 -45.15
CA SER C 314 -17.10 7.41 -45.03
C SER C 314 -17.79 8.77 -44.92
N VAL C 315 -18.90 8.93 -45.63
CA VAL C 315 -19.72 10.12 -45.49
C VAL C 315 -20.88 9.78 -44.58
N ILE C 316 -20.98 10.49 -43.47
CA ILE C 316 -22.03 10.20 -42.49
C ILE C 316 -22.94 11.38 -42.18
N PRO C 317 -24.20 11.06 -41.84
CA PRO C 317 -25.17 12.06 -41.36
C PRO C 317 -24.82 12.46 -39.93
N VAL C 318 -24.87 13.76 -39.64
CA VAL C 318 -24.74 14.24 -38.27
C VAL C 318 -25.85 15.26 -37.99
N VAL C 319 -26.69 14.98 -37.00
CA VAL C 319 -27.81 15.86 -36.70
C VAL C 319 -27.52 16.71 -35.48
N VAL C 320 -27.60 18.02 -35.64
CA VAL C 320 -27.34 18.95 -34.55
C VAL C 320 -28.53 19.85 -34.26
N MET C 321 -28.43 20.59 -33.16
CA MET C 321 -29.42 21.59 -32.79
C MET C 321 -28.81 22.98 -32.88
N ARG C 322 -29.33 23.79 -33.79
CA ARG C 322 -28.97 25.20 -33.89
C ARG C 322 -30.23 26.04 -33.82
N ASP C 323 -30.31 26.91 -32.81
CA ASP C 323 -31.45 27.81 -32.69
C ASP C 323 -32.76 27.02 -32.63
N ASP C 324 -32.76 25.95 -31.84
CA ASP C 324 -33.96 25.13 -31.66
C ASP C 324 -34.45 24.50 -32.96
N LYS C 325 -33.59 24.46 -33.97
CA LYS C 325 -33.90 23.81 -35.23
C LYS C 325 -32.95 22.64 -35.48
N GLN C 326 -33.50 21.47 -35.80
CA GLN C 326 -32.69 20.32 -36.13
C GLN C 326 -32.07 20.49 -37.51
N LEU C 327 -30.75 20.42 -37.57
CA LEU C 327 -30.02 20.48 -38.82
C LEU C 327 -29.32 19.16 -39.07
N THR C 328 -29.29 18.74 -40.32
CA THR C 328 -28.60 17.52 -40.70
C THR C 328 -27.43 17.88 -41.59
N LEU C 329 -26.23 17.63 -41.09
CA LEU C 329 -25.01 17.91 -41.83
C LEU C 329 -24.37 16.61 -42.27
N GLN C 330 -23.62 16.66 -43.36
CA GLN C 330 -22.91 15.48 -43.82
C GLN C 330 -21.41 15.68 -43.75
N VAL C 331 -20.76 14.89 -42.91
CA VAL C 331 -19.32 14.99 -42.73
C VAL C 331 -18.62 13.79 -43.36
N THR C 332 -17.46 14.05 -43.97
CA THR C 332 -16.62 12.95 -44.45
C THR C 332 -15.54 12.66 -43.41
N ILE C 333 -15.61 11.47 -42.83
CA ILE C 333 -14.67 11.05 -41.79
C ILE C 333 -13.24 11.01 -42.32
N GLN C 334 -12.31 11.45 -41.49
CA GLN C 334 -10.89 11.35 -41.81
C GLN C 334 -10.22 10.38 -40.84
N GLU C 335 -8.96 10.08 -41.09
CA GLU C 335 -8.17 9.34 -40.11
C GLU C 335 -7.73 10.31 -39.02
N TYR C 336 -7.63 9.82 -37.79
CA TYR C 336 -7.24 10.66 -36.67
C TYR C 336 -5.82 11.19 -36.89
N PRO C 337 -5.63 12.50 -36.66
CA PRO C 337 -4.33 13.16 -36.87
C PRO C 337 -3.19 12.47 -36.12
N ALA C 338 -2.03 12.36 -36.76
CA ALA C 338 -0.87 11.75 -36.13
C ALA C 338 -0.36 12.59 -34.96
N THR C 339 0.06 11.92 -33.91
CA THR C 339 0.59 12.60 -32.71
C THR C 339 1.67 13.60 -33.06
N TYR D 1 32.28 -10.53 -6.53
CA TYR D 1 32.11 -11.39 -5.37
C TYR D 1 33.46 -11.77 -4.76
N GLN D 2 33.44 -12.04 -3.46
CA GLN D 2 34.65 -12.47 -2.76
C GLN D 2 34.30 -13.54 -1.75
N PHE D 3 34.41 -14.79 -2.17
CA PHE D 3 34.12 -15.92 -1.30
C PHE D 3 35.32 -16.86 -1.25
N TYR E 1 -2.13 17.68 35.24
CA TYR E 1 -3.42 17.72 34.56
C TYR E 1 -4.28 18.88 35.04
N GLN E 2 -5.38 19.11 34.34
CA GLN E 2 -6.34 20.14 34.72
C GLN E 2 -7.74 19.71 34.29
N PHE E 3 -8.51 19.16 35.22
CA PHE E 3 -9.86 18.71 34.92
C PHE E 3 -10.87 19.37 35.85
N TYR F 1 -13.30 16.82 -24.90
CA TYR F 1 -12.98 15.57 -25.58
C TYR F 1 -12.75 15.81 -27.07
N GLN F 2 -11.60 15.40 -27.57
CA GLN F 2 -11.31 15.53 -28.99
C GLN F 2 -11.57 14.21 -29.69
N PHE F 3 -12.38 14.24 -30.74
CA PHE F 3 -12.62 13.05 -31.54
C PHE F 3 -12.94 13.38 -33.00
#